data_5IE2
#
_entry.id   5IE2
#
_cell.length_a   71.228
_cell.length_b   117.042
_cell.length_c   72.023
_cell.angle_alpha   90.00
_cell.angle_beta   93.58
_cell.angle_gamma   90.00
#
_symmetry.space_group_name_H-M   'P 1 21 1'
#
loop_
_entity.id
_entity.type
_entity.pdbx_description
1 polymer 'Oxalate--CoA ligase'
2 non-polymer "ADENOSINE-5'-TRIPHOSPHATE"
3 non-polymer 'MAGNESIUM ION'
4 non-polymer 'ACETIC ACID'
5 water water
#
_entity_poly.entity_id   1
_entity_poly.type   'polypeptide(L)'
_entity_poly.pdbx_seq_one_letter_code
;MDSDTLSGLLENVAKKFPDRRALSVSGKFNLTHARLHDLIERAASRLVSDAGIKPGDVVALTFPNTVEFVIMFLAVIRAR
ATAAPLNAAYTAEEFEFYLSDSDSKLLLTSKEGNAPAQEAASKLKISHVTATLLDAGSDLVLSVADSDSVVDSATELVNH
PDDGALFLHTSGTTSRPKGVPLTQLNLASSVKNIKAVYKLTESDSTVIVLPLFHVHGLLAGLLSSLGAGAAVTLPAAGRF
SATTFWPDMKKYNATWYTAVPTIHQIILDRHASHPETEYPKLRFIRSCSASLAPVILSRLEEAFGAPVLEAYAMTEATHL
MSSNPLPEEGPHKPGSVGKPVGQEMAILNEKGEIQEPNNKGEVCIRGPNVTKGYKNNPEANKAGFEFGWFHTGDIGYFDT
DGYLHLVGRIKELINRGGEKISPIEVDAVLLTHPDVSQGVAFGVPDEKYGEEINCAVIPREGTTVTEEDIKAFCKKNLAA
FKVPKRVFITDNLPKTASGKIQRRIVAQHFLEKP
;
_entity_poly.pdbx_strand_id   A,B
#
# COMPACT_ATOMS: atom_id res chain seq x y z
N MET A 1 22.59 -3.97 10.75
CA MET A 1 21.23 -3.41 10.79
C MET A 1 20.59 -3.29 12.20
N ASP A 2 20.90 -4.23 13.09
CA ASP A 2 20.36 -4.16 14.47
C ASP A 2 20.76 -2.89 15.23
N SER A 3 20.05 -2.59 16.31
CA SER A 3 20.28 -1.37 17.09
C SER A 3 19.68 -1.65 18.48
N ASP A 4 20.08 -0.84 19.45
CA ASP A 4 19.53 -1.01 20.82
C ASP A 4 18.43 0.02 21.10
N THR A 5 17.97 0.72 20.04
CA THR A 5 16.71 1.50 20.17
C THR A 5 15.77 1.09 19.03
N LEU A 6 14.48 1.14 19.29
CA LEU A 6 13.55 0.79 18.21
C LEU A 6 13.63 1.84 17.11
N SER A 7 13.67 3.12 17.49
CA SER A 7 13.75 4.15 16.45
C SER A 7 14.99 3.97 15.57
N GLY A 8 16.13 3.66 16.20
CA GLY A 8 17.34 3.39 15.41
C GLY A 8 17.29 2.19 14.48
N LEU A 9 16.69 1.12 14.98
CA LEU A 9 16.49 -0.04 14.15
C LEU A 9 15.64 0.31 12.91
N LEU A 10 14.55 1.02 13.16
CA LEU A 10 13.64 1.31 12.04
C LEU A 10 14.27 2.25 11.01
N GLU A 11 15.11 3.17 11.50
CA GLU A 11 15.88 4.02 10.57
C GLU A 11 16.78 3.17 9.66
N ASN A 12 17.51 2.22 10.26
CA ASN A 12 18.36 1.31 9.45
C ASN A 12 17.54 0.51 8.43
N VAL A 13 16.37 0.02 8.86
CA VAL A 13 15.48 -0.69 7.97
C VAL A 13 15.06 0.17 6.78
N ALA A 14 14.68 1.42 7.05
CA ALA A 14 14.19 2.29 5.97
C ALA A 14 15.30 2.55 4.97
N LYS A 15 16.50 2.80 5.49
CA LYS A 15 17.64 2.95 4.59
C LYS A 15 18.00 1.72 3.76
N LYS A 16 17.89 0.53 4.34
CA LYS A 16 18.22 -0.68 3.61
C LYS A 16 17.15 -1.14 2.58
N PHE A 17 15.86 -0.96 2.95
CA PHE A 17 14.69 -1.45 2.21
C PHE A 17 13.68 -0.35 1.91
N PRO A 18 14.16 0.75 1.30
CA PRO A 18 13.24 1.89 1.22
C PRO A 18 12.00 1.66 0.39
N ASP A 19 12.10 0.86 -0.68
CA ASP A 19 10.95 0.76 -1.59
C ASP A 19 10.18 -0.58 -1.34
N ARG A 20 10.50 -1.32 -0.27
CA ARG A 20 9.70 -2.49 0.07
C ARG A 20 8.45 -2.03 0.80
N ARG A 21 7.36 -2.78 0.65
CA ARG A 21 6.15 -2.45 1.37
C ARG A 21 6.35 -2.59 2.89
N ALA A 22 5.81 -1.62 3.64
CA ALA A 22 5.83 -1.64 5.10
C ALA A 22 4.44 -1.85 5.69
N LEU A 23 3.46 -1.06 5.25
CA LEU A 23 2.17 -0.96 5.94
C LEU A 23 1.04 -0.71 4.93
N SER A 24 0.07 -1.61 4.90
CA SER A 24 -1.11 -1.47 4.05
C SER A 24 -2.33 -1.42 4.91
N VAL A 25 -3.36 -0.72 4.41
CA VAL A 25 -4.70 -0.80 4.95
C VAL A 25 -5.49 -1.43 3.83
N SER A 26 -6.07 -2.61 4.09
CA SER A 26 -6.72 -3.40 3.04
C SER A 26 -7.66 -2.52 2.18
N GLY A 27 -7.40 -2.52 0.89
CA GLY A 27 -8.24 -1.84 -0.11
C GLY A 27 -7.92 -0.37 -0.25
N LYS A 28 -6.98 0.16 0.52
CA LYS A 28 -6.83 1.61 0.58
C LYS A 28 -5.40 2.12 0.50
N PHE A 29 -4.59 1.83 1.52
CA PHE A 29 -3.23 2.41 1.59
C PHE A 29 -2.15 1.36 1.37
N ASN A 30 -1.00 1.75 0.80
CA ASN A 30 0.14 0.83 0.70
C ASN A 30 1.39 1.68 0.86
N LEU A 31 1.94 1.73 2.06
CA LEU A 31 3.10 2.60 2.33
C LEU A 31 4.37 1.79 2.24
N THR A 32 5.40 2.32 1.59
CA THR A 32 6.74 1.72 1.66
C THR A 32 7.48 2.09 2.99
N HIS A 33 8.59 1.42 3.26
CA HIS A 33 9.38 1.75 4.45
C HIS A 33 9.90 3.18 4.38
N ALA A 34 10.35 3.66 3.21
CA ALA A 34 10.84 5.04 3.18
C ALA A 34 9.73 6.06 3.41
N ARG A 35 8.57 5.79 2.80
CA ARG A 35 7.47 6.70 2.95
C ARG A 35 7.01 6.74 4.43
N LEU A 36 6.89 5.56 5.01
CA LEU A 36 6.42 5.49 6.42
C LEU A 36 7.43 6.20 7.32
N HIS A 37 8.71 5.92 7.09
CA HIS A 37 9.75 6.58 7.86
C HIS A 37 9.64 8.10 7.80
N ASP A 38 9.44 8.65 6.61
CA ASP A 38 9.33 10.08 6.52
C ASP A 38 8.04 10.64 7.11
N LEU A 39 6.94 9.91 7.00
CA LEU A 39 5.67 10.37 7.59
C LEU A 39 5.87 10.46 9.13
N ILE A 40 6.60 9.49 9.64
CA ILE A 40 6.87 9.45 11.09
C ILE A 40 7.79 10.62 11.47
N GLU A 41 8.85 10.85 10.70
CA GLU A 41 9.80 11.92 11.04
C GLU A 41 9.07 13.27 11.05
N ARG A 42 8.23 13.46 10.05
CA ARG A 42 7.53 14.75 9.92
C ARG A 42 6.51 14.96 11.03
N ALA A 43 5.79 13.88 11.35
CA ALA A 43 4.85 13.97 12.44
C ALA A 43 5.57 14.22 13.78
N ALA A 44 6.73 13.60 14.00
CA ALA A 44 7.47 13.79 15.23
C ALA A 44 7.91 15.25 15.31
N SER A 45 8.32 15.79 14.17
CA SER A 45 8.71 17.18 14.11
CA SER A 45 8.71 17.19 14.11
C SER A 45 7.57 18.10 14.52
N ARG A 46 6.35 17.79 14.05
CA ARG A 46 5.21 18.59 14.45
C ARG A 46 4.93 18.44 15.95
N LEU A 47 5.02 17.22 16.48
CA LEU A 47 4.80 17.04 17.93
C LEU A 47 5.77 17.91 18.76
N VAL A 48 7.04 17.93 18.38
CA VAL A 48 8.02 18.70 19.13
C VAL A 48 7.81 20.21 18.94
N SER A 49 7.69 20.67 17.69
CA SER A 49 7.66 22.11 17.39
C SER A 49 6.33 22.77 17.70
N ASP A 50 5.24 22.04 17.47
CA ASP A 50 3.92 22.66 17.50
C ASP A 50 3.03 22.17 18.63
N ALA A 51 3.30 20.98 19.15
CA ALA A 51 2.50 20.43 20.25
C ALA A 51 3.27 20.47 21.55
N GLY A 52 4.51 20.96 21.50
CA GLY A 52 5.31 21.15 22.69
C GLY A 52 5.74 19.89 23.41
N ILE A 53 5.84 18.77 22.70
CA ILE A 53 6.23 17.51 23.33
C ILE A 53 7.75 17.50 23.63
N LYS A 54 8.08 17.27 24.89
CA LYS A 54 9.45 17.27 25.40
C LYS A 54 9.87 15.86 25.76
N PRO A 55 11.19 15.57 25.79
CA PRO A 55 11.61 14.21 26.14
C PRO A 55 11.04 13.77 27.49
N GLY A 56 10.53 12.54 27.56
CA GLY A 56 9.93 12.03 28.78
C GLY A 56 8.44 12.33 28.89
N ASP A 57 7.91 13.20 28.04
CA ASP A 57 6.44 13.45 28.10
C ASP A 57 5.67 12.16 27.75
N VAL A 58 4.46 12.00 28.32
CA VAL A 58 3.60 10.84 27.96
C VAL A 58 2.47 11.32 27.05
N VAL A 59 2.27 10.64 25.92
CA VAL A 59 1.20 10.99 24.99
C VAL A 59 0.25 9.79 24.91
N ALA A 60 -1.01 10.00 25.21
CA ALA A 60 -2.01 8.91 25.13
C ALA A 60 -2.53 8.81 23.71
N LEU A 61 -2.77 7.58 23.25
CA LEU A 61 -3.32 7.36 21.89
C LEU A 61 -4.59 6.51 22.01
N THR A 62 -5.69 6.90 21.37
CA THR A 62 -6.76 5.91 21.31
C THR A 62 -7.35 5.90 19.89
N PHE A 63 -7.14 4.75 19.25
CA PHE A 63 -7.46 4.54 17.83
C PHE A 63 -7.95 3.10 17.67
N PRO A 64 -8.71 2.82 16.61
CA PRO A 64 -8.77 1.43 16.10
C PRO A 64 -7.41 1.03 15.50
N ASN A 65 -7.32 -0.14 14.87
CA ASN A 65 -6.05 -0.55 14.26
C ASN A 65 -5.92 0.12 12.90
N THR A 66 -5.36 1.32 12.90
CA THR A 66 -5.36 2.14 11.68
C THR A 66 -3.98 2.68 11.36
N VAL A 67 -3.84 3.18 10.14
CA VAL A 67 -2.52 3.67 9.73
C VAL A 67 -2.09 4.87 10.57
N GLU A 68 -3.05 5.71 10.98
CA GLU A 68 -2.69 6.86 11.84
C GLU A 68 -2.22 6.41 13.20
N PHE A 69 -2.82 5.35 13.72
CA PHE A 69 -2.27 4.85 15.00
C PHE A 69 -0.78 4.44 14.83
N VAL A 70 -0.46 3.72 13.76
CA VAL A 70 0.94 3.27 13.58
C VAL A 70 1.89 4.47 13.47
N ILE A 71 1.52 5.39 12.58
CA ILE A 71 2.39 6.54 12.36
C ILE A 71 2.55 7.33 13.66
N MET A 72 1.46 7.61 14.36
CA MET A 72 1.58 8.45 15.56
C MET A 72 2.26 7.75 16.73
N PHE A 73 2.06 6.43 16.86
CA PHE A 73 2.79 5.64 17.87
C PHE A 73 4.30 5.82 17.69
N LEU A 74 4.74 5.62 16.44
CA LEU A 74 6.20 5.70 16.20
C LEU A 74 6.70 7.14 16.24
N ALA A 75 5.84 8.12 15.87
CA ALA A 75 6.23 9.56 15.95
C ALA A 75 6.41 9.99 17.40
N VAL A 76 5.51 9.54 18.26
CA VAL A 76 5.62 9.85 19.70
C VAL A 76 6.97 9.32 20.18
N ILE A 77 7.24 8.04 19.89
CA ILE A 77 8.51 7.52 20.43
C ILE A 77 9.75 8.17 19.84
N ARG A 78 9.66 8.49 18.55
CA ARG A 78 10.75 9.21 17.87
C ARG A 78 11.04 10.56 18.50
N ALA A 79 9.99 11.24 18.98
CA ALA A 79 10.14 12.54 19.62
C ALA A 79 10.64 12.43 21.08
N ARG A 80 11.08 11.23 21.47
CA ARG A 80 11.58 10.87 22.81
C ARG A 80 10.51 10.92 23.87
N ALA A 81 9.27 10.78 23.46
CA ALA A 81 8.16 10.74 24.38
C ALA A 81 7.72 9.30 24.55
N THR A 82 6.81 9.08 25.51
CA THR A 82 6.32 7.74 25.84
C THR A 82 4.90 7.59 25.31
N ALA A 83 4.64 6.56 24.49
CA ALA A 83 3.28 6.31 23.96
C ALA A 83 2.46 5.51 24.97
N ALA A 84 1.22 5.94 25.25
CA ALA A 84 0.30 5.23 26.14
C ALA A 84 -0.96 4.89 25.33
N PRO A 85 -0.93 3.79 24.60
CA PRO A 85 -2.11 3.36 23.82
C PRO A 85 -3.21 2.89 24.79
N LEU A 86 -4.45 3.28 24.50
CA LEU A 86 -5.57 2.97 25.38
C LEU A 86 -6.70 2.36 24.56
N ASN A 87 -7.39 1.37 25.14
CA ASN A 87 -8.55 0.71 24.55
C ASN A 87 -9.62 1.73 24.17
N ALA A 88 -10.01 1.81 22.91
CA ALA A 88 -10.97 2.81 22.49
C ALA A 88 -12.34 2.62 23.13
N ALA A 89 -12.56 1.42 23.71
CA ALA A 89 -13.89 1.08 24.24
C ALA A 89 -14.08 1.47 25.71
N TYR A 90 -13.08 2.09 26.31
CA TYR A 90 -13.18 2.54 27.69
C TYR A 90 -14.33 3.55 27.89
N THR A 91 -14.91 3.54 29.08
CA THR A 91 -15.87 4.58 29.48
C THR A 91 -15.12 5.87 29.78
N ALA A 92 -15.85 6.98 29.87
CA ALA A 92 -15.20 8.25 30.20
C ALA A 92 -14.49 8.13 31.57
N GLU A 93 -15.08 7.37 32.51
CA GLU A 93 -14.49 7.22 33.85
C GLU A 93 -13.17 6.44 33.80
N GLU A 94 -13.18 5.40 32.98
CA GLU A 94 -11.96 4.59 32.77
C GLU A 94 -10.89 5.44 32.11
N PHE A 95 -11.27 6.17 31.07
CA PHE A 95 -10.29 7.05 30.42
C PHE A 95 -9.73 8.08 31.38
N GLU A 96 -10.55 8.64 32.24
CA GLU A 96 -10.07 9.64 33.18
C GLU A 96 -9.04 9.00 34.10
N PHE A 97 -9.34 7.78 34.55
CA PHE A 97 -8.38 7.08 35.39
C PHE A 97 -7.04 6.81 34.67
N TYR A 98 -7.08 6.27 33.45
CA TYR A 98 -5.84 5.87 32.79
C TYR A 98 -5.05 7.08 32.29
N LEU A 99 -5.74 8.13 31.87
CA LEU A 99 -5.07 9.36 31.48
C LEU A 99 -4.35 9.98 32.67
N SER A 100 -5.01 10.02 33.84
CA SER A 100 -4.39 10.57 35.04
CA SER A 100 -4.38 10.56 35.04
C SER A 100 -3.21 9.71 35.50
N ASP A 101 -3.43 8.41 35.58
CA ASP A 101 -2.42 7.49 36.09
C ASP A 101 -1.14 7.41 35.25
N SER A 102 -1.26 7.58 33.94
CA SER A 102 -0.14 7.54 33.02
C SER A 102 0.59 8.90 32.95
N ASP A 103 0.03 9.93 33.60
CA ASP A 103 0.50 11.33 33.47
C ASP A 103 0.51 11.86 32.03
N SER A 104 -0.47 11.43 31.26
CA SER A 104 -0.60 11.90 29.89
C SER A 104 -0.69 13.43 29.80
N LYS A 105 0.02 14.00 28.84
CA LYS A 105 0.05 15.45 28.58
C LYS A 105 -0.65 15.81 27.29
N LEU A 106 -1.00 14.81 26.50
CA LEU A 106 -1.65 15.01 25.20
C LEU A 106 -2.46 13.74 24.85
N LEU A 107 -3.62 13.90 24.25
CA LEU A 107 -4.45 12.80 23.77
C LEU A 107 -4.52 12.87 22.25
N LEU A 108 -4.07 11.81 21.56
CA LEU A 108 -4.25 11.73 20.10
C LEU A 108 -5.38 10.78 19.74
N THR A 109 -6.19 11.18 18.74
CA THR A 109 -7.23 10.32 18.19
C THR A 109 -7.30 10.52 16.69
N SER A 110 -8.15 9.74 16.02
CA SER A 110 -8.47 10.00 14.64
C SER A 110 -9.30 11.27 14.53
N LYS A 111 -9.52 11.69 13.29
CA LYS A 111 -10.35 12.85 13.05
C LYS A 111 -11.78 12.59 13.46
N GLU A 112 -12.22 11.33 13.42
CA GLU A 112 -13.61 11.02 13.85
C GLU A 112 -13.73 11.18 15.39
N GLY A 113 -12.62 10.94 16.07
CA GLY A 113 -12.61 11.18 17.50
C GLY A 113 -13.06 9.99 18.36
N ASN A 114 -13.12 10.24 19.65
CA ASN A 114 -13.56 9.27 20.64
C ASN A 114 -14.21 10.05 21.77
N ALA A 115 -15.54 10.01 21.86
CA ALA A 115 -16.22 10.93 22.74
C ALA A 115 -15.89 10.72 24.23
N PRO A 116 -15.87 9.45 24.71
CA PRO A 116 -15.49 9.26 26.11
C PRO A 116 -14.06 9.73 26.40
N ALA A 117 -13.12 9.47 25.49
CA ALA A 117 -11.74 9.85 25.77
C ALA A 117 -11.64 11.36 25.75
N GLN A 118 -12.32 11.98 24.81
CA GLN A 118 -12.31 13.45 24.71
C GLN A 118 -12.95 14.12 25.93
N GLU A 119 -14.01 13.52 26.43
CA GLU A 119 -14.71 13.98 27.65
C GLU A 119 -13.74 13.93 28.85
N ALA A 120 -13.09 12.78 28.99
CA ALA A 120 -12.09 12.62 30.08
C ALA A 120 -10.92 13.63 29.95
N ALA A 121 -10.40 13.81 28.73
CA ALA A 121 -9.24 14.71 28.51
C ALA A 121 -9.67 16.15 28.84
N SER A 122 -10.88 16.54 28.42
CA SER A 122 -11.41 17.87 28.75
CA SER A 122 -11.36 17.87 28.74
C SER A 122 -11.50 18.09 30.25
N LYS A 123 -12.04 17.09 30.95
CA LYS A 123 -12.19 17.21 32.40
C LYS A 123 -10.82 17.38 33.08
N LEU A 124 -9.80 16.73 32.53
CA LEU A 124 -8.47 16.80 33.12
C LEU A 124 -7.61 17.91 32.51
N LYS A 125 -8.16 18.70 31.59
CA LYS A 125 -7.44 19.78 30.92
C LYS A 125 -6.21 19.29 30.15
N ILE A 126 -6.37 18.14 29.49
CA ILE A 126 -5.32 17.58 28.63
C ILE A 126 -5.64 17.91 27.18
N SER A 127 -4.71 18.50 26.45
CA SER A 127 -4.93 18.82 25.04
CA SER A 127 -4.92 18.82 25.05
C SER A 127 -5.32 17.61 24.19
N HIS A 128 -6.18 17.84 23.22
CA HIS A 128 -6.63 16.80 22.31
C HIS A 128 -6.27 17.22 20.91
N VAL A 129 -5.60 16.32 20.18
CA VAL A 129 -5.23 16.57 18.79
C VAL A 129 -5.63 15.39 17.93
N THR A 130 -6.09 15.65 16.73
CA THR A 130 -6.50 14.59 15.85
C THR A 130 -5.44 14.39 14.78
N ALA A 131 -5.40 13.18 14.25
CA ALA A 131 -4.43 12.78 13.22
C ALA A 131 -5.13 12.13 12.04
N THR A 132 -4.80 12.57 10.82
CA THR A 132 -5.42 12.04 9.60
C THR A 132 -4.43 11.88 8.45
N LEU A 133 -4.37 10.71 7.83
CA LEU A 133 -3.57 10.51 6.62
C LEU A 133 -4.45 10.63 5.40
N LEU A 134 -4.08 11.51 4.47
CA LEU A 134 -4.96 11.79 3.35
C LEU A 134 -4.63 10.99 2.08
N ASP A 135 -3.51 11.31 1.46
CA ASP A 135 -3.11 10.71 0.20
C ASP A 135 -1.60 10.67 0.21
N ALA A 136 -1.03 10.04 -0.80
CA ALA A 136 0.44 9.83 -0.81
C ALA A 136 1.24 11.07 -1.14
N GLY A 137 0.56 12.19 -1.42
CA GLY A 137 1.29 13.40 -1.73
C GLY A 137 1.39 14.30 -0.52
N SER A 138 0.75 13.92 0.59
CA SER A 138 0.65 14.84 1.73
C SER A 138 1.17 14.25 3.02
N ASP A 139 1.70 15.08 3.91
CA ASP A 139 2.10 14.62 5.25
C ASP A 139 0.85 14.25 6.04
N LEU A 140 1.05 13.56 7.15
CA LEU A 140 -0.07 13.31 8.05
C LEU A 140 -0.57 14.66 8.61
N VAL A 141 -1.89 14.83 8.64
CA VAL A 141 -2.44 16.11 9.11
C VAL A 141 -2.75 16.07 10.57
N LEU A 142 -2.12 16.94 11.34
CA LEU A 142 -2.42 17.08 12.77
C LEU A 142 -3.18 18.35 13.05
N SER A 143 -4.15 18.30 13.95
CA SER A 143 -5.01 19.46 14.21
C SER A 143 -4.36 20.46 15.18
N VAL A 144 -3.06 20.59 15.13
CA VAL A 144 -2.41 21.59 15.95
C VAL A 144 -1.88 22.68 15.00
N ALA A 145 -1.99 23.93 15.39
CA ALA A 145 -1.58 25.05 14.54
C ALA A 145 -0.09 25.02 14.22
N ASP A 146 0.29 25.49 13.03
CA ASP A 146 1.69 25.75 12.72
C ASP A 146 2.18 26.99 13.50
N ASP A 152 11.93 18.96 10.03
CA ASP A 152 13.07 19.59 10.61
C ASP A 152 13.37 19.13 12.05
N SER A 153 12.57 19.57 12.99
CA SER A 153 12.93 19.54 14.40
C SER A 153 13.09 18.14 14.99
N ALA A 154 12.94 17.12 14.18
CA ALA A 154 13.10 15.78 14.64
C ALA A 154 14.53 15.34 14.37
N THR A 155 15.06 15.80 13.26
CA THR A 155 16.37 15.34 12.77
C THR A 155 17.42 15.31 13.87
N GLU A 156 17.55 16.46 14.54
CA GLU A 156 18.39 16.70 15.71
C GLU A 156 18.26 15.66 16.83
N LEU A 157 17.04 15.20 17.06
CA LEU A 157 16.69 14.30 18.16
C LEU A 157 17.51 13.04 18.21
N VAL A 158 18.04 12.72 19.38
CA VAL A 158 18.74 11.46 19.57
C VAL A 158 17.90 10.55 20.48
N ASN A 159 17.60 9.34 20.02
CA ASN A 159 16.86 8.43 20.90
C ASN A 159 17.81 7.60 21.75
N HIS A 160 17.60 7.66 23.06
CA HIS A 160 18.42 6.95 24.03
C HIS A 160 17.79 5.62 24.38
N PRO A 161 18.60 4.56 24.52
CA PRO A 161 18.05 3.25 24.89
C PRO A 161 17.26 3.36 26.21
N ASP A 162 17.65 4.23 27.14
CA ASP A 162 16.91 4.24 28.39
C ASP A 162 15.74 5.22 28.38
N ASP A 163 15.45 5.86 27.25
CA ASP A 163 14.24 6.71 27.13
C ASP A 163 12.97 5.87 27.31
N GLY A 164 11.98 6.39 28.02
CA GLY A 164 10.70 5.67 28.04
C GLY A 164 10.12 5.70 26.63
N ALA A 165 9.39 4.65 26.26
CA ALA A 165 8.80 4.61 24.94
C ALA A 165 7.36 4.12 24.98
N LEU A 166 7.01 3.25 25.93
CA LEU A 166 5.69 2.60 25.89
C LEU A 166 5.23 2.45 27.33
N PHE A 167 3.99 2.78 27.61
CA PHE A 167 3.46 2.61 28.95
C PHE A 167 2.14 1.90 28.77
N LEU A 168 1.98 0.76 29.47
CA LEU A 168 0.80 -0.13 29.38
C LEU A 168 0.40 -0.56 30.78
N HIS A 169 -0.82 -1.06 30.92
CA HIS A 169 -1.24 -1.73 32.14
C HIS A 169 -1.41 -3.20 31.81
N THR A 170 -1.24 -4.05 32.82
CA THR A 170 -1.50 -5.48 32.64
C THR A 170 -3.01 -5.78 32.48
N SER A 171 -3.35 -6.94 31.89
CA SER A 171 -4.74 -7.27 31.54
C SER A 171 -5.74 -7.41 32.74
N GLY A 172 -5.27 -7.44 33.99
CA GLY A 172 -6.18 -7.47 35.13
C GLY A 172 -6.70 -8.88 35.49
N THR A 173 -6.00 -9.90 35.00
CA THR A 173 -6.42 -11.27 35.18
C THR A 173 -6.38 -11.75 36.65
N THR A 174 -5.27 -11.58 37.35
CA THR A 174 -5.18 -12.08 38.72
C THR A 174 -5.01 -10.94 39.73
N SER A 175 -5.21 -9.71 39.26
CA SER A 175 -5.01 -8.52 40.09
C SER A 175 -5.69 -7.32 39.45
N ARG A 176 -5.59 -6.18 40.12
CA ARG A 176 -5.94 -4.89 39.50
C ARG A 176 -4.76 -4.53 38.59
N PRO A 177 -5.05 -4.16 37.31
CA PRO A 177 -3.98 -3.91 36.32
C PRO A 177 -2.83 -3.05 36.89
N LYS A 178 -1.59 -3.50 36.67
CA LYS A 178 -0.40 -2.76 37.13
C LYS A 178 0.15 -1.92 35.98
N GLY A 179 0.70 -0.73 36.27
CA GLY A 179 1.34 0.11 35.24
C GLY A 179 2.78 -0.28 34.89
N VAL A 180 3.03 -0.48 33.59
CA VAL A 180 4.30 -0.99 33.11
C VAL A 180 4.99 -0.05 32.14
N PRO A 181 6.08 0.60 32.58
CA PRO A 181 6.87 1.46 31.69
C PRO A 181 7.93 0.62 30.98
N LEU A 182 7.99 0.79 29.66
CA LEU A 182 8.94 0.09 28.80
C LEU A 182 9.75 1.09 28.00
N THR A 183 11.04 0.81 27.84
CA THR A 183 11.97 1.73 27.21
C THR A 183 12.21 1.41 25.73
N GLN A 184 12.96 2.30 25.07
CA GLN A 184 13.44 2.06 23.71
C GLN A 184 14.20 0.75 23.66
N LEU A 185 14.99 0.56 24.72
CA LEU A 185 15.80 -0.65 24.79
C LEU A 185 14.93 -1.88 24.95
N ASN A 186 13.93 -1.82 25.84
CA ASN A 186 13.00 -2.93 25.97
C ASN A 186 12.43 -3.32 24.58
N LEU A 187 11.94 -2.32 23.85
CA LEU A 187 11.28 -2.57 22.55
C LEU A 187 12.26 -3.16 21.53
N ALA A 188 13.44 -2.53 21.40
CA ALA A 188 14.46 -3.03 20.48
C ALA A 188 14.86 -4.48 20.78
N SER A 189 15.04 -4.80 22.06
CA SER A 189 15.36 -6.15 22.47
C SER A 189 14.28 -7.13 22.06
N SER A 190 13.00 -6.80 22.35
CA SER A 190 11.98 -7.79 21.98
C SER A 190 11.81 -7.95 20.47
N VAL A 191 11.92 -6.84 19.75
CA VAL A 191 11.85 -6.92 18.29
C VAL A 191 12.99 -7.82 17.74
N LYS A 192 14.22 -7.63 18.22
CA LYS A 192 15.29 -8.54 17.82
C LYS A 192 15.02 -10.00 18.18
N ASN A 193 14.49 -10.24 19.38
CA ASN A 193 14.17 -11.63 19.78
C ASN A 193 13.12 -12.33 18.88
N ILE A 194 12.05 -11.59 18.61
CA ILE A 194 10.94 -12.10 17.80
C ILE A 194 11.42 -12.31 16.36
N LYS A 195 12.14 -11.33 15.82
CA LYS A 195 12.67 -11.53 14.47
C LYS A 195 13.62 -12.72 14.40
N ALA A 196 14.41 -12.92 15.45
CA ALA A 196 15.39 -13.97 15.42
C ALA A 196 14.72 -15.33 15.46
N VAL A 197 13.82 -15.56 16.42
CA VAL A 197 13.30 -16.92 16.56
C VAL A 197 12.38 -17.32 15.37
N TYR A 198 11.72 -16.37 14.72
CA TYR A 198 10.89 -16.73 13.55
C TYR A 198 11.63 -16.48 12.24
N LYS A 199 12.89 -16.05 12.30
CA LYS A 199 13.66 -15.65 11.11
C LYS A 199 12.83 -14.77 10.20
N LEU A 200 12.25 -13.70 10.77
CA LEU A 200 11.51 -12.74 9.95
C LEU A 200 12.50 -12.04 9.03
N THR A 201 12.12 -11.87 7.76
CA THR A 201 12.94 -11.11 6.83
C THR A 201 12.07 -10.19 6.01
N GLU A 202 12.70 -9.46 5.08
CA GLU A 202 11.94 -8.44 4.37
C GLU A 202 10.92 -9.06 3.41
N SER A 203 10.98 -10.37 3.14
CA SER A 203 9.97 -11.05 2.30
CA SER A 203 9.94 -10.96 2.28
C SER A 203 8.70 -11.42 3.05
N ASP A 204 8.70 -11.28 4.38
CA ASP A 204 7.52 -11.69 5.12
C ASP A 204 6.40 -10.65 5.12
N SER A 205 5.20 -11.10 5.45
CA SER A 205 4.02 -10.30 5.35
C SER A 205 2.98 -10.88 6.28
N THR A 206 2.23 -10.02 6.98
CA THR A 206 1.17 -10.53 7.88
C THR A 206 -0.03 -9.61 7.93
N VAL A 207 -1.14 -10.15 8.45
CA VAL A 207 -2.36 -9.36 8.69
C VAL A 207 -2.56 -9.30 10.20
N ILE A 208 -2.74 -8.09 10.74
CA ILE A 208 -2.95 -7.87 12.18
C ILE A 208 -4.40 -8.23 12.56
N VAL A 209 -4.54 -9.17 13.50
CA VAL A 209 -5.86 -9.60 13.93
C VAL A 209 -6.06 -9.39 15.45
N LEU A 210 -5.16 -8.64 16.07
CA LEU A 210 -5.27 -8.37 17.50
C LEU A 210 -5.21 -6.88 17.78
N PRO A 211 -5.74 -6.40 18.93
CA PRO A 211 -5.63 -4.96 19.23
C PRO A 211 -4.19 -4.48 19.39
N LEU A 212 -3.85 -3.34 18.77
CA LEU A 212 -2.50 -2.80 18.87
C LEU A 212 -2.28 -2.04 20.17
N PHE A 213 -3.28 -2.00 21.07
CA PHE A 213 -3.05 -1.41 22.40
C PHE A 213 -2.64 -2.47 23.45
N HIS A 214 -2.43 -3.73 23.02
CA HIS A 214 -1.85 -4.79 23.91
C HIS A 214 -0.51 -5.21 23.26
N VAL A 215 0.47 -5.69 24.05
CA VAL A 215 1.81 -5.96 23.48
C VAL A 215 1.88 -7.08 22.48
N HIS A 216 0.93 -8.03 22.47
CA HIS A 216 1.06 -9.15 21.52
C HIS A 216 0.95 -8.61 20.07
N GLY A 217 -0.18 -7.98 19.74
CA GLY A 217 -0.32 -7.45 18.38
C GLY A 217 0.70 -6.35 18.11
N LEU A 218 0.96 -5.50 19.11
CA LEU A 218 1.90 -4.39 18.91
C LEU A 218 3.34 -4.86 18.65
N LEU A 219 3.89 -5.70 19.55
CA LEU A 219 5.31 -6.13 19.40
C LEU A 219 5.51 -7.16 18.32
N ALA A 220 4.68 -8.21 18.29
CA ALA A 220 4.95 -9.30 17.35
C ALA A 220 4.41 -9.00 15.98
N GLY A 221 3.11 -8.69 15.91
CA GLY A 221 2.53 -8.44 14.58
C GLY A 221 3.10 -7.18 13.89
N LEU A 222 3.12 -6.06 14.62
CA LEU A 222 3.47 -4.78 13.99
C LEU A 222 4.97 -4.48 14.06
N LEU A 223 5.50 -4.32 15.28
CA LEU A 223 6.84 -3.74 15.35
C LEU A 223 7.90 -4.71 14.87
N SER A 224 7.76 -6.00 15.16
CA SER A 224 8.82 -6.94 14.74
C SER A 224 8.83 -7.09 13.20
N SER A 225 7.64 -7.03 12.61
CA SER A 225 7.56 -7.02 11.11
C SER A 225 8.30 -5.82 10.55
N LEU A 226 7.98 -4.64 11.06
CA LEU A 226 8.60 -3.42 10.52
C LEU A 226 10.11 -3.47 10.75
N GLY A 227 10.49 -3.99 11.92
CA GLY A 227 11.91 -4.11 12.22
C GLY A 227 12.68 -5.09 11.37
N ALA A 228 11.97 -5.99 10.65
CA ALA A 228 12.64 -6.88 9.70
C ALA A 228 12.65 -6.37 8.24
N GLY A 229 12.00 -5.22 8.01
CA GLY A 229 11.75 -4.73 6.63
C GLY A 229 10.60 -5.49 5.98
N ALA A 230 9.84 -6.21 6.80
CA ALA A 230 8.65 -6.99 6.35
C ALA A 230 7.44 -6.05 6.21
N ALA A 231 6.30 -6.62 5.81
CA ALA A 231 5.07 -5.83 5.65
C ALA A 231 3.95 -6.28 6.60
N VAL A 232 3.11 -5.31 6.91
CA VAL A 232 1.96 -5.48 7.79
C VAL A 232 0.72 -4.97 7.09
N THR A 233 -0.39 -5.71 7.16
CA THR A 233 -1.67 -5.21 6.62
C THR A 233 -2.66 -5.06 7.74
N LEU A 234 -3.32 -3.91 7.80
CA LEU A 234 -4.41 -3.69 8.76
C LEU A 234 -5.73 -3.94 8.03
N PRO A 235 -6.63 -4.68 8.65
CA PRO A 235 -8.00 -4.82 8.07
C PRO A 235 -8.71 -3.46 7.86
N ALA A 236 -9.52 -3.42 6.80
CA ALA A 236 -10.21 -2.18 6.41
C ALA A 236 -11.00 -1.58 7.54
N ALA A 237 -11.53 -2.42 8.39
CA ALA A 237 -12.42 -1.90 9.42
C ALA A 237 -11.75 -1.70 10.78
N GLY A 238 -10.42 -1.82 10.86
CA GLY A 238 -9.69 -1.48 12.06
C GLY A 238 -9.75 -2.48 13.21
N ARG A 239 -10.26 -3.68 12.90
CA ARG A 239 -10.33 -4.78 13.86
C ARG A 239 -10.43 -6.12 13.11
N PHE A 240 -10.18 -7.21 13.82
CA PHE A 240 -10.27 -8.53 13.20
C PHE A 240 -11.66 -8.80 12.66
N SER A 241 -11.72 -9.35 11.45
CA SER A 241 -12.99 -9.85 10.89
C SER A 241 -12.77 -11.27 10.38
N ALA A 242 -13.55 -12.24 10.82
CA ALA A 242 -13.32 -13.60 10.30
C ALA A 242 -13.61 -13.68 8.78
N THR A 243 -14.50 -12.82 8.30
CA THR A 243 -14.88 -12.92 6.89
C THR A 243 -13.84 -12.31 5.97
N THR A 244 -13.09 -11.30 6.41
CA THR A 244 -12.12 -10.71 5.48
C THR A 244 -10.69 -11.21 5.70
N PHE A 245 -10.49 -12.02 6.74
CA PHE A 245 -9.13 -12.45 7.13
C PHE A 245 -8.38 -13.12 5.98
N TRP A 246 -8.93 -14.22 5.44
CA TRP A 246 -8.20 -14.94 4.43
C TRP A 246 -8.13 -14.17 3.12
N PRO A 247 -9.21 -13.46 2.74
CA PRO A 247 -9.00 -12.62 1.54
C PRO A 247 -7.84 -11.61 1.67
N ASP A 248 -7.70 -10.99 2.85
CA ASP A 248 -6.56 -10.10 3.08
C ASP A 248 -5.23 -10.83 3.10
N MET A 249 -5.19 -12.01 3.73
CA MET A 249 -3.95 -12.77 3.80
C MET A 249 -3.50 -13.14 2.37
N LYS A 250 -4.48 -13.50 1.51
CA LYS A 250 -4.08 -13.84 0.13
C LYS A 250 -3.63 -12.62 -0.64
N LYS A 251 -4.47 -11.58 -0.62
CA LYS A 251 -4.26 -10.44 -1.48
C LYS A 251 -2.92 -9.76 -1.17
N TYR A 252 -2.55 -9.74 0.10
CA TYR A 252 -1.33 -9.06 0.50
C TYR A 252 -0.19 -10.03 0.78
N ASN A 253 -0.26 -11.22 0.21
CA ASN A 253 0.91 -12.15 0.14
C ASN A 253 1.45 -12.53 1.50
N ALA A 254 0.56 -12.73 2.44
CA ALA A 254 0.98 -13.07 3.82
C ALA A 254 1.75 -14.38 3.88
N THR A 255 2.70 -14.42 4.82
CA THR A 255 3.54 -15.59 5.02
C THR A 255 3.38 -16.14 6.43
N TRP A 256 2.70 -15.40 7.31
CA TRP A 256 2.48 -15.91 8.68
C TRP A 256 1.38 -15.06 9.32
N TYR A 257 0.88 -15.49 10.50
CA TYR A 257 0.12 -14.58 11.36
C TYR A 257 0.28 -15.07 12.82
N THR A 258 -0.09 -14.18 13.73
CA THR A 258 -0.05 -14.52 15.14
C THR A 258 -1.40 -14.15 15.75
N ALA A 259 -1.88 -14.98 16.68
CA ALA A 259 -3.15 -14.68 17.30
C ALA A 259 -3.20 -15.37 18.64
N VAL A 260 -4.23 -15.08 19.41
CA VAL A 260 -4.44 -15.80 20.68
C VAL A 260 -5.39 -17.00 20.44
N PRO A 261 -5.40 -18.00 21.34
CA PRO A 261 -6.24 -19.18 21.07
C PRO A 261 -7.73 -18.86 20.77
N THR A 262 -8.36 -17.89 21.42
CA THR A 262 -9.78 -17.67 21.12
C THR A 262 -9.98 -17.17 19.66
N ILE A 263 -9.03 -16.39 19.17
CA ILE A 263 -9.12 -15.96 17.78
C ILE A 263 -8.83 -17.11 16.81
N HIS A 264 -7.81 -17.92 17.10
CA HIS A 264 -7.60 -19.12 16.28
C HIS A 264 -8.88 -19.99 16.23
N GLN A 265 -9.59 -20.12 17.35
CA GLN A 265 -10.85 -20.92 17.36
C GLN A 265 -11.91 -20.30 16.45
N ILE A 266 -12.02 -18.98 16.48
CA ILE A 266 -12.97 -18.33 15.54
C ILE A 266 -12.60 -18.57 14.05
N ILE A 267 -11.30 -18.51 13.75
CA ILE A 267 -10.80 -18.76 12.38
C ILE A 267 -11.08 -20.20 11.98
N LEU A 268 -10.91 -21.12 12.94
CA LEU A 268 -11.24 -22.55 12.66
C LEU A 268 -12.74 -22.77 12.43
N ASP A 269 -13.55 -22.11 13.23
CA ASP A 269 -15.01 -22.19 13.04
C ASP A 269 -15.39 -21.71 11.63
N ARG A 270 -14.79 -20.60 11.21
CA ARG A 270 -15.06 -20.03 9.90
C ARG A 270 -14.61 -21.03 8.81
N HIS A 271 -13.49 -21.71 9.06
CA HIS A 271 -13.03 -22.69 8.09
C HIS A 271 -14.03 -23.83 8.02
N ALA A 272 -14.67 -24.16 9.13
CA ALA A 272 -15.62 -25.27 9.11
C ALA A 272 -16.89 -24.87 8.34
N SER A 273 -17.35 -23.63 8.50
CA SER A 273 -18.62 -23.27 7.86
C SER A 273 -18.44 -22.70 6.44
N HIS A 274 -17.30 -22.06 6.19
CA HIS A 274 -17.02 -21.44 4.91
CA HIS A 274 -17.04 -21.46 4.92
C HIS A 274 -15.57 -21.66 4.53
N PRO A 275 -15.19 -22.91 4.19
CA PRO A 275 -13.81 -23.11 3.74
C PRO A 275 -13.49 -22.29 2.51
N GLU A 276 -12.29 -21.73 2.47
CA GLU A 276 -11.80 -21.09 1.26
C GLU A 276 -11.53 -22.16 0.23
N THR A 277 -11.66 -21.81 -1.06
CA THR A 277 -11.36 -22.76 -2.12
C THR A 277 -9.86 -23.04 -2.15
N GLU A 278 -9.04 -22.03 -1.84
CA GLU A 278 -7.62 -22.30 -1.60
C GLU A 278 -7.01 -21.36 -0.53
N TYR A 279 -6.05 -21.89 0.23
CA TYR A 279 -5.37 -21.10 1.28
C TYR A 279 -3.96 -20.80 0.87
N PRO A 280 -3.41 -19.67 1.33
CA PRO A 280 -2.00 -19.43 1.04
C PRO A 280 -1.12 -20.40 1.83
N LYS A 281 0.08 -20.69 1.32
CA LYS A 281 1.05 -21.52 2.05
C LYS A 281 1.83 -20.66 3.02
N LEU A 282 1.55 -20.76 4.31
CA LEU A 282 2.27 -19.90 5.29
C LEU A 282 3.54 -20.60 5.78
N ARG A 283 4.54 -19.83 6.16
CA ARG A 283 5.72 -20.35 6.82
C ARG A 283 5.38 -20.93 8.19
N PHE A 284 4.52 -20.25 8.93
CA PHE A 284 4.10 -20.71 10.26
C PHE A 284 2.90 -19.94 10.71
N ILE A 285 2.24 -20.46 11.74
CA ILE A 285 1.13 -19.78 12.39
C ILE A 285 1.55 -19.72 13.85
N ARG A 286 1.40 -18.55 14.48
CA ARG A 286 1.84 -18.42 15.85
C ARG A 286 0.66 -18.26 16.82
N SER A 287 0.82 -18.81 18.06
CA SER A 287 -0.17 -18.61 19.09
C SER A 287 0.53 -18.14 20.36
N CYS A 288 -0.06 -17.22 21.12
CA CYS A 288 0.57 -16.72 22.36
C CYS A 288 -0.52 -16.17 23.25
N SER A 289 -0.18 -15.88 24.52
CA SER A 289 -0.97 -15.08 25.51
C SER A 289 -1.87 -15.91 26.41
N ALA A 290 -2.25 -17.12 25.98
CA ALA A 290 -3.05 -18.04 26.79
C ALA A 290 -2.74 -19.41 26.27
N SER A 291 -2.96 -20.48 27.04
CA SER A 291 -2.49 -21.80 26.55
C SER A 291 -3.24 -22.24 25.33
N LEU A 292 -2.50 -22.75 24.36
CA LEU A 292 -3.08 -23.36 23.15
C LEU A 292 -3.27 -24.87 23.40
N ALA A 293 -4.51 -25.33 23.49
CA ALA A 293 -4.70 -26.75 23.72
C ALA A 293 -4.12 -27.53 22.53
N PRO A 294 -3.51 -28.69 22.81
CA PRO A 294 -2.98 -29.52 21.70
C PRO A 294 -4.02 -29.80 20.61
N VAL A 295 -5.28 -29.94 21.00
CA VAL A 295 -6.29 -30.26 19.96
C VAL A 295 -6.50 -29.05 19.02
N ILE A 296 -6.40 -27.83 19.54
CA ILE A 296 -6.49 -26.66 18.66
C ILE A 296 -5.26 -26.58 17.75
N LEU A 297 -4.09 -26.89 18.31
CA LEU A 297 -2.88 -26.91 17.48
C LEU A 297 -3.07 -27.89 16.29
N SER A 298 -3.51 -29.12 16.60
CA SER A 298 -3.79 -30.14 15.57
C SER A 298 -4.75 -29.64 14.55
N ARG A 299 -5.85 -29.07 15.03
CA ARG A 299 -6.86 -28.58 14.08
C ARG A 299 -6.32 -27.51 13.15
N LEU A 300 -5.48 -26.61 13.67
CA LEU A 300 -4.90 -25.59 12.83
C LEU A 300 -3.93 -26.15 11.79
N GLU A 301 -3.06 -27.08 12.20
CA GLU A 301 -2.10 -27.65 11.24
C GLU A 301 -2.90 -28.42 10.17
N GLU A 302 -3.98 -29.09 10.56
CA GLU A 302 -4.75 -29.85 9.56
C GLU A 302 -5.52 -28.95 8.60
N ALA A 303 -6.08 -27.87 9.14
CA ALA A 303 -6.89 -26.96 8.33
C ALA A 303 -6.03 -26.19 7.35
N PHE A 304 -4.88 -25.65 7.81
CA PHE A 304 -4.15 -24.69 6.97
C PHE A 304 -2.75 -25.11 6.52
N GLY A 305 -2.28 -26.24 7.00
CA GLY A 305 -1.10 -26.90 6.49
C GLY A 305 0.21 -26.20 6.82
N ALA A 306 0.24 -25.42 7.90
CA ALA A 306 1.48 -24.76 8.32
C ALA A 306 1.81 -25.17 9.75
N PRO A 307 3.10 -25.19 10.09
CA PRO A 307 3.46 -25.49 11.50
C PRO A 307 2.91 -24.43 12.47
N VAL A 308 2.41 -24.87 13.62
CA VAL A 308 1.83 -23.97 14.61
C VAL A 308 2.76 -23.88 15.79
N LEU A 309 3.30 -22.68 16.02
CA LEU A 309 4.35 -22.45 17.02
C LEU A 309 3.79 -21.63 18.17
N GLU A 310 3.76 -22.25 19.34
CA GLU A 310 3.26 -21.57 20.53
C GLU A 310 4.38 -20.83 21.28
N ALA A 311 4.07 -19.62 21.70
CA ALA A 311 5.01 -18.80 22.46
C ALA A 311 4.39 -18.43 23.81
N TYR A 312 5.23 -17.96 24.73
CA TYR A 312 4.83 -17.50 26.07
C TYR A 312 5.34 -16.07 26.24
N ALA A 313 4.47 -15.18 26.69
CA ALA A 313 4.78 -13.74 26.70
C ALA A 313 4.02 -12.99 27.77
N MET A 314 4.50 -11.81 28.15
CA MET A 314 3.75 -10.99 29.12
C MET A 314 4.16 -9.55 28.97
N THR A 315 3.29 -8.65 29.44
CA THR A 315 3.53 -7.24 29.27
C THR A 315 4.89 -6.83 29.89
N GLU A 316 5.19 -7.36 31.07
CA GLU A 316 6.43 -7.00 31.78
C GLU A 316 7.73 -7.42 31.09
N ALA A 317 7.62 -8.37 30.16
CA ALA A 317 8.76 -8.86 29.37
C ALA A 317 8.77 -8.19 27.99
N THR A 318 7.98 -7.11 27.80
CA THR A 318 7.79 -6.52 26.45
C THR A 318 7.39 -7.68 25.48
N HIS A 319 6.42 -8.45 25.91
CA HIS A 319 5.89 -9.60 25.15
C HIS A 319 6.83 -10.84 25.29
N LEU A 320 7.54 -11.23 24.23
CA LEU A 320 8.10 -12.58 24.13
C LEU A 320 9.09 -12.97 25.28
N MET A 321 8.83 -14.12 25.88
CA MET A 321 9.79 -14.77 26.78
C MET A 321 10.33 -16.08 26.14
N SER A 322 9.42 -16.97 25.74
CA SER A 322 9.87 -18.23 25.14
C SER A 322 9.04 -18.57 23.93
N SER A 323 9.62 -19.39 23.06
CA SER A 323 8.85 -19.89 21.92
C SER A 323 9.31 -21.25 21.43
N ASN A 324 8.38 -22.02 20.88
CA ASN A 324 8.78 -23.13 20.04
C ASN A 324 9.50 -22.58 18.83
N PRO A 325 10.51 -23.28 18.35
CA PRO A 325 11.35 -22.85 17.23
C PRO A 325 10.70 -23.20 15.90
N LEU A 326 11.25 -22.63 14.83
CA LEU A 326 10.90 -23.07 13.45
C LEU A 326 11.29 -24.52 13.27
N PRO A 327 10.56 -25.27 12.43
CA PRO A 327 10.85 -26.70 12.20
C PRO A 327 12.30 -26.93 11.75
N GLU A 328 12.87 -26.00 11.00
CA GLU A 328 14.24 -26.17 10.53
C GLU A 328 15.23 -26.10 11.68
N GLU A 329 14.81 -25.55 12.83
CA GLU A 329 15.69 -25.44 13.99
C GLU A 329 15.41 -26.49 15.06
N GLY A 330 14.19 -27.02 15.14
CA GLY A 330 13.85 -27.96 16.20
C GLY A 330 12.37 -28.31 16.20
N PRO A 331 11.97 -29.30 17.00
CA PRO A 331 10.53 -29.65 17.02
C PRO A 331 9.68 -28.60 17.73
N HIS A 332 8.38 -28.58 17.46
CA HIS A 332 7.50 -27.80 18.31
C HIS A 332 6.63 -28.81 19.07
N LYS A 333 6.48 -28.58 20.36
CA LYS A 333 5.86 -29.55 21.27
C LYS A 333 4.49 -29.09 21.72
N PRO A 334 3.46 -29.87 21.39
CA PRO A 334 2.12 -29.55 21.89
C PRO A 334 2.14 -29.50 23.41
N GLY A 335 1.47 -28.54 24.02
CA GLY A 335 1.45 -28.46 25.47
C GLY A 335 2.62 -27.64 26.02
N SER A 336 3.54 -27.24 25.15
CA SER A 336 4.79 -26.53 25.56
C SER A 336 4.89 -25.17 24.91
N VAL A 337 5.53 -24.23 25.60
CA VAL A 337 5.80 -22.93 25.03
C VAL A 337 7.29 -22.75 24.65
N GLY A 338 7.99 -23.86 24.47
CA GLY A 338 9.30 -23.83 23.86
C GLY A 338 10.42 -23.30 24.72
N LYS A 339 11.40 -22.64 24.10
CA LYS A 339 12.66 -22.31 24.77
C LYS A 339 12.82 -20.82 24.91
N PRO A 340 13.52 -20.35 25.95
CA PRO A 340 13.77 -18.91 26.17
C PRO A 340 14.40 -18.27 24.92
N VAL A 341 14.03 -17.04 24.58
CA VAL A 341 14.62 -16.39 23.40
C VAL A 341 15.30 -15.09 23.87
N GLY A 342 16.63 -15.04 23.81
CA GLY A 342 17.35 -13.79 24.05
C GLY A 342 17.32 -13.29 25.49
N GLN A 343 16.99 -14.16 26.44
CA GLN A 343 16.93 -13.82 27.84
C GLN A 343 17.11 -15.04 28.67
N GLU A 344 17.50 -14.84 29.94
CA GLU A 344 17.60 -15.94 30.87
C GLU A 344 16.29 -16.30 31.48
N MET A 345 16.14 -17.56 31.79
CA MET A 345 14.91 -18.03 32.41
C MET A 345 15.25 -19.17 33.37
N ALA A 346 14.62 -19.21 34.52
CA ALA A 346 14.93 -20.23 35.51
C ALA A 346 13.66 -20.60 36.25
N ILE A 347 13.62 -21.80 36.83
CA ILE A 347 12.45 -22.26 37.58
C ILE A 347 12.86 -22.30 39.05
N LEU A 348 12.22 -21.52 39.90
CA LEU A 348 12.68 -21.40 41.31
C LEU A 348 11.64 -21.91 42.30
N ASN A 349 12.05 -22.60 43.39
CA ASN A 349 11.07 -22.86 44.44
C ASN A 349 10.86 -21.65 45.36
N GLU A 350 10.08 -21.84 46.43
CA GLU A 350 9.72 -20.70 47.25
C GLU A 350 10.88 -20.13 48.04
N LYS A 351 12.01 -20.82 48.06
CA LYS A 351 13.21 -20.29 48.73
C LYS A 351 14.25 -19.79 47.73
N GLY A 352 13.85 -19.72 46.46
CA GLY A 352 14.74 -19.19 45.45
C GLY A 352 15.76 -20.19 44.95
N GLU A 353 15.60 -21.46 45.27
CA GLU A 353 16.52 -22.47 44.75
C GLU A 353 16.15 -22.89 43.31
N ILE A 354 17.14 -22.93 42.42
CA ILE A 354 16.90 -23.32 41.03
C ILE A 354 16.53 -24.80 40.95
N GLN A 355 15.49 -25.09 40.19
CA GLN A 355 15.00 -26.45 40.08
C GLN A 355 15.61 -27.23 38.93
N GLU A 356 15.74 -28.53 39.14
CA GLU A 356 16.21 -29.46 38.13
C GLU A 356 15.10 -29.64 37.10
N PRO A 357 15.43 -30.12 35.90
CA PRO A 357 14.38 -30.48 34.94
C PRO A 357 13.24 -31.35 35.52
N ASN A 358 12.03 -31.09 35.04
CA ASN A 358 10.80 -31.79 35.43
C ASN A 358 10.43 -31.59 36.89
N ASN A 359 10.95 -30.54 37.48
CA ASN A 359 10.49 -30.10 38.79
C ASN A 359 9.85 -28.73 38.67
N LYS A 360 8.63 -28.59 39.17
CA LYS A 360 7.86 -27.37 39.01
C LYS A 360 8.38 -26.28 39.93
N GLY A 361 8.13 -25.04 39.54
CA GLY A 361 8.45 -23.88 40.34
C GLY A 361 8.02 -22.62 39.59
N GLU A 362 8.35 -21.46 40.13
CA GLU A 362 7.94 -20.23 39.47
C GLU A 362 8.92 -19.88 38.35
N VAL A 363 8.38 -19.50 37.21
CA VAL A 363 9.24 -19.05 36.11
C VAL A 363 9.76 -17.65 36.44
N CYS A 364 11.09 -17.46 36.41
CA CYS A 364 11.72 -16.14 36.58
C CYS A 364 12.56 -15.82 35.34
N ILE A 365 12.60 -14.55 34.95
CA ILE A 365 13.29 -14.14 33.74
C ILE A 365 14.28 -13.01 34.01
N ARG A 366 15.23 -12.89 33.12
CA ARG A 366 16.14 -11.77 33.21
C ARG A 366 16.65 -11.42 31.85
N GLY A 367 16.52 -10.15 31.50
CA GLY A 367 16.98 -9.76 30.16
C GLY A 367 16.68 -8.33 29.82
N PRO A 368 17.24 -7.82 28.71
CA PRO A 368 17.05 -6.40 28.41
C PRO A 368 15.65 -6.05 27.89
N ASN A 369 14.81 -7.06 27.66
CA ASN A 369 13.40 -6.84 27.29
C ASN A 369 12.51 -6.60 28.50
N VAL A 370 13.05 -6.87 29.70
CA VAL A 370 12.20 -6.83 30.90
C VAL A 370 12.10 -5.42 31.46
N THR A 371 10.90 -5.04 31.88
CA THR A 371 10.71 -3.73 32.50
C THR A 371 11.68 -3.54 33.69
N LYS A 372 12.09 -2.29 33.90
CA LYS A 372 12.91 -1.98 35.07
C LYS A 372 12.09 -2.01 36.36
N GLY A 373 10.77 -1.85 36.21
CA GLY A 373 9.93 -1.86 37.39
C GLY A 373 8.57 -1.20 37.16
N TYR A 374 7.60 -1.62 37.96
CA TYR A 374 6.27 -1.02 37.91
C TYR A 374 6.32 0.42 38.31
N LYS A 375 5.41 1.22 37.76
CA LYS A 375 5.32 2.64 38.09
C LYS A 375 4.64 2.83 39.44
N ASN A 376 5.29 3.55 40.34
CA ASN A 376 4.68 3.88 41.63
C ASN A 376 4.12 2.65 42.33
N ASN A 377 4.97 1.65 42.53
CA ASN A 377 4.54 0.48 43.28
C ASN A 377 5.78 -0.17 43.87
N PRO A 378 6.36 0.52 44.86
CA PRO A 378 7.63 0.07 45.44
C PRO A 378 7.51 -1.34 45.98
N GLU A 379 6.34 -1.68 46.48
CA GLU A 379 6.08 -3.01 47.04
C GLU A 379 6.06 -4.15 46.01
N ALA A 380 5.33 -3.94 44.91
CA ALA A 380 5.33 -4.90 43.80
C ALA A 380 6.77 -5.07 43.27
N ASN A 381 7.56 -3.99 43.26
CA ASN A 381 8.92 -4.09 42.77
C ASN A 381 9.85 -4.84 43.73
N LYS A 382 9.70 -4.57 45.02
CA LYS A 382 10.50 -5.30 45.99
C LYS A 382 10.08 -6.78 45.96
N ALA A 383 8.79 -7.06 45.77
CA ALA A 383 8.34 -8.44 45.69
C ALA A 383 8.74 -9.17 44.41
N GLY A 384 8.79 -8.46 43.30
CA GLY A 384 8.84 -9.08 41.97
C GLY A 384 10.24 -9.23 41.40
N PHE A 385 11.21 -8.45 41.92
CA PHE A 385 12.56 -8.40 41.35
C PHE A 385 13.63 -8.80 42.36
N GLU A 386 14.59 -9.59 41.93
CA GLU A 386 15.72 -9.89 42.80
C GLU A 386 16.97 -10.13 41.94
N PHE A 387 18.03 -9.34 42.18
CA PHE A 387 19.29 -9.45 41.45
C PHE A 387 19.06 -9.48 39.92
N GLY A 388 18.16 -8.61 39.45
CA GLY A 388 17.90 -8.49 38.01
C GLY A 388 16.79 -9.41 37.51
N TRP A 389 16.44 -10.41 38.30
CA TRP A 389 15.44 -11.40 37.88
C TRP A 389 14.03 -10.96 38.24
N PHE A 390 13.10 -11.17 37.32
CA PHE A 390 11.70 -10.84 37.54
C PHE A 390 10.89 -12.14 37.76
N HIS A 391 10.07 -12.18 38.82
CA HIS A 391 9.21 -13.33 39.16
C HIS A 391 7.89 -13.20 38.40
N THR A 392 7.59 -14.13 37.48
CA THR A 392 6.42 -13.96 36.57
C THR A 392 5.05 -14.23 37.22
N GLY A 393 5.05 -14.99 38.31
CA GLY A 393 3.78 -15.43 38.88
C GLY A 393 3.21 -16.69 38.25
N ASP A 394 3.93 -17.27 37.27
CA ASP A 394 3.51 -18.50 36.59
C ASP A 394 4.32 -19.66 37.10
N ILE A 395 3.65 -20.80 37.23
CA ILE A 395 4.28 -22.04 37.57
C ILE A 395 4.51 -22.85 36.28
N GLY A 396 5.70 -23.41 36.18
CA GLY A 396 6.07 -24.25 35.05
C GLY A 396 7.24 -25.18 35.35
N TYR A 397 7.65 -25.95 34.34
CA TYR A 397 8.87 -26.74 34.49
C TYR A 397 9.51 -26.87 33.11
N PHE A 398 10.82 -27.09 33.10
CA PHE A 398 11.57 -27.42 31.89
C PHE A 398 11.68 -28.93 31.77
N ASP A 399 11.46 -29.42 30.55
CA ASP A 399 11.74 -30.82 30.30
C ASP A 399 13.24 -30.95 30.01
N THR A 400 13.73 -32.15 29.70
CA THR A 400 15.19 -32.34 29.54
C THR A 400 15.72 -31.77 28.22
N ASP A 401 14.84 -31.38 27.29
CA ASP A 401 15.26 -30.63 26.07
C ASP A 401 15.29 -29.14 26.30
N GLY A 402 14.95 -28.69 27.50
CA GLY A 402 14.93 -27.27 27.80
C GLY A 402 13.68 -26.57 27.32
N TYR A 403 12.63 -27.34 27.00
CA TYR A 403 11.36 -26.75 26.62
C TYR A 403 10.50 -26.49 27.85
N LEU A 404 9.87 -25.31 27.94
CA LEU A 404 9.06 -24.94 29.08
C LEU A 404 7.63 -25.45 28.90
N HIS A 405 7.09 -25.99 29.99
CA HIS A 405 5.71 -26.42 30.08
C HIS A 405 5.05 -25.66 31.20
N LEU A 406 4.01 -24.89 30.89
CA LEU A 406 3.31 -24.11 31.93
C LEU A 406 2.22 -24.91 32.63
N VAL A 407 2.12 -24.73 33.94
CA VAL A 407 1.12 -25.42 34.75
C VAL A 407 0.01 -24.43 35.04
N GLY A 408 0.38 -23.19 35.27
CA GLY A 408 -0.65 -22.16 35.39
C GLY A 408 -0.20 -21.01 36.28
N ARG A 409 -1.00 -19.97 36.37
CA ARG A 409 -0.73 -18.90 37.31
C ARG A 409 -0.84 -19.41 38.72
N ILE A 410 0.13 -19.02 39.55
CA ILE A 410 0.09 -19.36 40.97
C ILE A 410 -1.31 -19.15 41.56
N LYS A 411 -1.91 -18.01 41.26
CA LYS A 411 -3.20 -17.69 41.87
C LYS A 411 -4.40 -18.49 41.30
N GLU A 412 -4.19 -19.19 40.19
CA GLU A 412 -5.26 -19.92 39.53
C GLU A 412 -5.22 -21.42 39.76
N LEU A 413 -4.10 -21.95 40.28
CA LEU A 413 -4.01 -23.39 40.54
C LEU A 413 -5.04 -23.76 41.60
N ILE A 414 -5.62 -24.94 41.47
CA ILE A 414 -6.72 -25.32 42.34
C ILE A 414 -6.25 -26.25 43.44
N ASN A 415 -6.33 -25.80 44.68
CA ASN A 415 -5.77 -26.62 45.75
C ASN A 415 -6.85 -27.48 46.44
N ARG A 416 -7.03 -28.69 45.90
CA ARG A 416 -8.08 -29.60 46.35
C ARG A 416 -7.53 -30.61 47.35
N GLY A 417 -7.74 -30.36 48.64
CA GLY A 417 -7.30 -31.27 49.67
C GLY A 417 -5.82 -31.60 49.62
N GLY A 418 -5.01 -30.61 49.31
CA GLY A 418 -3.57 -30.84 49.25
C GLY A 418 -3.04 -31.20 47.85
N GLU A 419 -3.94 -31.50 46.92
CA GLU A 419 -3.50 -31.77 45.56
C GLU A 419 -3.79 -30.58 44.63
N LYS A 420 -2.80 -30.09 43.90
CA LYS A 420 -3.02 -28.94 43.03
C LYS A 420 -3.44 -29.40 41.64
N ILE A 421 -4.53 -28.82 41.16
CA ILE A 421 -5.04 -29.09 39.83
C ILE A 421 -4.72 -27.93 38.91
N SER A 422 -4.23 -28.27 37.72
CA SER A 422 -3.98 -27.28 36.67
C SER A 422 -5.19 -27.04 35.80
N PRO A 423 -5.76 -25.83 35.84
CA PRO A 423 -6.90 -25.52 34.96
C PRO A 423 -6.55 -25.60 33.47
N ILE A 424 -5.31 -25.27 33.13
CA ILE A 424 -4.79 -25.43 31.75
C ILE A 424 -5.01 -26.86 31.23
N GLU A 425 -4.58 -27.81 32.06
CA GLU A 425 -4.65 -29.23 31.70
C GLU A 425 -6.11 -29.66 31.45
N VAL A 426 -6.96 -29.26 32.39
CA VAL A 426 -8.37 -29.67 32.30
C VAL A 426 -9.05 -28.99 31.08
N ASP A 427 -8.76 -27.70 30.83
CA ASP A 427 -9.30 -27.01 29.64
C ASP A 427 -8.98 -27.76 28.36
N ALA A 428 -7.73 -28.19 28.30
CA ALA A 428 -7.28 -28.91 27.10
C ALA A 428 -8.12 -30.17 26.92
N VAL A 429 -8.44 -30.84 28.02
CA VAL A 429 -9.32 -32.03 27.86
C VAL A 429 -10.74 -31.64 27.41
N LEU A 430 -11.30 -30.59 27.99
CA LEU A 430 -12.68 -30.20 27.64
C LEU A 430 -12.81 -29.92 26.16
N LEU A 431 -11.82 -29.25 25.62
CA LEU A 431 -11.89 -28.91 24.19
C LEU A 431 -11.82 -30.13 23.24
N THR A 432 -11.43 -31.30 23.75
CA THR A 432 -11.40 -32.49 22.89
C THR A 432 -12.75 -33.21 22.85
N HIS A 433 -13.70 -32.78 23.69
CA HIS A 433 -15.02 -33.41 23.62
C HIS A 433 -15.67 -33.02 22.29
N PRO A 434 -16.23 -34.01 21.56
CA PRO A 434 -16.75 -33.77 20.19
C PRO A 434 -17.73 -32.63 20.09
N ASP A 435 -18.50 -32.37 21.17
CA ASP A 435 -19.55 -31.36 21.12
C ASP A 435 -19.22 -30.07 21.84
N VAL A 436 -17.96 -29.87 22.23
CA VAL A 436 -17.58 -28.65 22.93
C VAL A 436 -16.89 -27.68 21.97
N SER A 437 -17.44 -26.48 21.88
CA SER A 437 -16.83 -25.46 21.03
C SER A 437 -15.91 -24.60 21.87
N GLN A 438 -16.31 -24.35 23.12
CA GLN A 438 -15.42 -23.61 24.00
C GLN A 438 -15.50 -24.13 25.43
N GLY A 439 -14.43 -24.02 26.21
CA GLY A 439 -14.50 -24.52 27.59
C GLY A 439 -13.50 -23.85 28.53
N VAL A 440 -13.85 -23.72 29.82
CA VAL A 440 -12.93 -23.06 30.76
C VAL A 440 -13.10 -23.68 32.13
N ALA A 441 -12.01 -24.08 32.76
CA ALA A 441 -12.06 -24.63 34.12
C ALA A 441 -11.65 -23.57 35.12
N PHE A 442 -12.10 -23.73 36.38
CA PHE A 442 -11.85 -22.70 37.39
C PHE A 442 -12.07 -23.24 38.79
N GLY A 443 -11.38 -22.63 39.76
CA GLY A 443 -11.46 -23.07 41.14
C GLY A 443 -12.64 -22.42 41.84
N VAL A 444 -13.19 -23.11 42.83
CA VAL A 444 -14.31 -22.57 43.60
C VAL A 444 -14.09 -22.96 45.07
N PRO A 445 -14.70 -22.22 46.00
CA PRO A 445 -14.53 -22.63 47.39
C PRO A 445 -15.22 -23.98 47.65
N ASP A 446 -14.66 -24.76 48.56
CA ASP A 446 -15.25 -26.04 48.90
C ASP A 446 -15.02 -26.30 50.38
N GLU A 447 -16.04 -26.78 51.07
CA GLU A 447 -15.90 -26.80 52.51
C GLU A 447 -15.09 -28.02 52.93
N LYS A 448 -15.15 -29.11 52.16
CA LYS A 448 -14.38 -30.30 52.52
C LYS A 448 -12.93 -30.24 52.02
N TYR A 449 -12.71 -29.74 50.81
CA TYR A 449 -11.36 -29.81 50.23
C TYR A 449 -10.66 -28.46 50.20
N GLY A 450 -11.36 -27.41 50.60
CA GLY A 450 -10.83 -26.06 50.56
C GLY A 450 -11.17 -25.42 49.22
N GLU A 451 -10.63 -26.00 48.14
CA GLU A 451 -11.01 -25.57 46.80
C GLU A 451 -11.44 -26.80 45.99
N GLU A 452 -12.33 -26.57 45.03
CA GLU A 452 -12.79 -27.62 44.15
C GLU A 452 -12.68 -27.09 42.73
N ILE A 453 -12.63 -27.99 41.76
CA ILE A 453 -12.65 -27.57 40.37
C ILE A 453 -14.07 -27.67 39.79
N ASN A 454 -14.46 -26.61 39.08
CA ASN A 454 -15.66 -26.55 38.25
C ASN A 454 -15.27 -26.15 36.83
N CYS A 455 -16.20 -26.19 35.91
CA CYS A 455 -15.92 -25.68 34.58
C CYS A 455 -17.20 -25.14 33.91
N ALA A 456 -17.04 -24.42 32.81
CA ALA A 456 -18.16 -23.99 31.95
C ALA A 456 -17.84 -24.33 30.51
N VAL A 457 -18.83 -24.80 29.78
CA VAL A 457 -18.63 -25.10 28.38
C VAL A 457 -19.71 -24.46 27.52
N ILE A 458 -19.32 -24.11 26.30
CA ILE A 458 -20.21 -23.76 25.22
C ILE A 458 -20.29 -24.91 24.24
N PRO A 459 -21.52 -25.47 24.08
CA PRO A 459 -21.74 -26.56 23.13
C PRO A 459 -21.69 -26.05 21.70
N ARG A 460 -21.35 -26.95 20.78
CA ARG A 460 -21.39 -26.63 19.37
C ARG A 460 -22.83 -26.45 18.96
N GLU A 461 -23.07 -25.56 18.00
CA GLU A 461 -24.44 -25.29 17.56
C GLU A 461 -25.10 -26.56 17.03
N GLY A 462 -26.35 -26.77 17.45
CA GLY A 462 -27.11 -27.92 17.03
C GLY A 462 -26.74 -29.20 17.76
N THR A 463 -25.96 -29.07 18.83
CA THR A 463 -25.66 -30.24 19.63
C THR A 463 -26.27 -29.94 20.97
N THR A 464 -26.55 -31.00 21.73
CA THR A 464 -26.93 -30.81 23.11
C THR A 464 -25.96 -31.58 24.02
N VAL A 465 -25.52 -30.90 25.08
CA VAL A 465 -24.48 -31.39 25.98
C VAL A 465 -25.00 -31.37 27.38
N THR A 466 -24.81 -32.46 28.13
CA THR A 466 -25.20 -32.45 29.53
C THR A 466 -23.97 -32.41 30.43
N GLU A 467 -24.17 -31.95 31.66
CA GLU A 467 -23.16 -32.00 32.69
C GLU A 467 -22.61 -33.41 32.84
N GLU A 468 -23.50 -34.39 32.79
CA GLU A 468 -23.10 -35.77 33.01
C GLU A 468 -22.27 -36.32 31.86
N ASP A 469 -22.58 -35.95 30.62
CA ASP A 469 -21.77 -36.31 29.47
C ASP A 469 -20.35 -35.76 29.65
N ILE A 470 -20.25 -34.48 30.01
CA ILE A 470 -18.94 -33.81 30.14
C ILE A 470 -18.13 -34.46 31.24
N LYS A 471 -18.79 -34.69 32.37
CA LYS A 471 -18.11 -35.30 33.47
C LYS A 471 -17.63 -36.72 33.11
N ALA A 472 -18.49 -37.52 32.47
CA ALA A 472 -18.09 -38.88 32.09
C ALA A 472 -16.86 -38.89 31.16
N PHE A 473 -16.92 -37.98 30.19
CA PHE A 473 -15.83 -37.82 29.24
C PHE A 473 -14.53 -37.44 29.98
N CYS A 474 -14.62 -36.46 30.87
CA CYS A 474 -13.48 -36.05 31.69
C CYS A 474 -12.94 -37.21 32.51
N LYS A 475 -13.83 -38.04 33.06
CA LYS A 475 -13.39 -39.17 33.88
C LYS A 475 -12.61 -40.19 33.06
N LYS A 476 -12.86 -40.21 31.74
CA LYS A 476 -12.07 -41.13 30.93
C LYS A 476 -10.67 -40.60 30.55
N ASN A 477 -10.40 -39.35 30.84
CA ASN A 477 -9.22 -38.67 30.33
C ASN A 477 -8.43 -37.96 31.41
N LEU A 478 -8.85 -38.07 32.67
CA LEU A 478 -8.16 -37.35 33.78
C LEU A 478 -8.22 -38.22 35.02
N ALA A 479 -7.20 -38.16 35.89
CA ALA A 479 -7.28 -38.76 37.24
C ALA A 479 -8.55 -38.22 37.91
N ALA A 480 -9.23 -39.05 38.72
CA ALA A 480 -10.57 -38.69 39.21
C ALA A 480 -10.56 -37.35 39.95
N PHE A 481 -9.51 -37.06 40.71
CA PHE A 481 -9.52 -35.85 41.54
C PHE A 481 -9.53 -34.57 40.70
N LYS A 482 -9.15 -34.65 39.41
CA LYS A 482 -9.09 -33.48 38.55
C LYS A 482 -10.40 -33.17 37.83
N VAL A 483 -11.36 -34.08 37.94
CA VAL A 483 -12.60 -33.97 37.18
C VAL A 483 -13.51 -32.86 37.73
N PRO A 484 -13.96 -31.90 36.90
CA PRO A 484 -14.86 -30.83 37.38
C PRO A 484 -16.10 -31.44 38.08
N LYS A 485 -16.37 -30.97 39.28
CA LYS A 485 -17.49 -31.49 40.05
C LYS A 485 -18.83 -30.91 39.53
N ARG A 486 -18.74 -29.72 38.94
CA ARG A 486 -19.88 -29.10 38.31
C ARG A 486 -19.50 -28.58 36.92
N VAL A 487 -20.43 -28.75 35.98
CA VAL A 487 -20.29 -28.28 34.59
C VAL A 487 -21.42 -27.30 34.27
N PHE A 488 -21.09 -26.03 34.03
CA PHE A 488 -22.08 -25.03 33.68
C PHE A 488 -22.18 -24.90 32.17
N ILE A 489 -23.39 -24.95 31.66
CA ILE A 489 -23.53 -24.95 30.23
C ILE A 489 -24.07 -23.62 29.82
N THR A 490 -23.40 -23.02 28.84
CA THR A 490 -23.73 -21.66 28.52
C THR A 490 -23.54 -21.34 27.05
N ASP A 491 -24.05 -20.19 26.64
CA ASP A 491 -24.03 -19.77 25.24
C ASP A 491 -22.90 -18.77 24.98
N ASN A 492 -22.35 -18.24 26.07
CA ASN A 492 -21.32 -17.23 25.97
C ASN A 492 -20.38 -17.13 27.18
N LEU A 493 -19.09 -16.94 26.90
CA LEU A 493 -18.14 -16.63 27.97
C LEU A 493 -17.55 -15.25 27.75
N PRO A 494 -17.42 -14.48 28.84
CA PRO A 494 -16.71 -13.20 28.77
C PRO A 494 -15.21 -13.35 28.39
N LYS A 495 -14.76 -12.53 27.44
CA LYS A 495 -13.32 -12.42 27.19
C LYS A 495 -12.88 -10.97 27.13
N THR A 496 -11.60 -10.75 27.46
CA THR A 496 -10.98 -9.45 27.41
C THR A 496 -10.89 -8.93 25.98
N ALA A 497 -10.47 -7.67 25.84
CA ALA A 497 -10.24 -7.10 24.53
C ALA A 497 -9.12 -7.86 23.84
N SER A 498 -8.11 -8.27 24.63
CA SER A 498 -7.00 -9.13 24.16
C SER A 498 -7.45 -10.54 23.69
N GLY A 499 -8.64 -10.97 24.08
CA GLY A 499 -9.15 -12.28 23.72
C GLY A 499 -8.92 -13.37 24.76
N LYS A 500 -8.71 -12.99 26.03
CA LYS A 500 -8.53 -13.99 27.11
C LYS A 500 -9.81 -14.19 27.85
N ILE A 501 -10.16 -15.43 28.13
CA ILE A 501 -11.29 -15.68 29.02
C ILE A 501 -10.71 -15.60 30.41
N GLN A 502 -11.21 -14.74 31.30
CA GLN A 502 -10.61 -14.72 32.65
C GLN A 502 -11.37 -15.59 33.64
N ARG A 503 -10.66 -16.53 34.27
CA ARG A 503 -11.33 -17.57 35.04
C ARG A 503 -12.04 -17.00 36.26
N ARG A 504 -11.50 -15.96 36.88
CA ARG A 504 -12.16 -15.40 38.07
C ARG A 504 -13.52 -14.80 37.73
N ILE A 505 -13.61 -14.17 36.57
CA ILE A 505 -14.88 -13.58 36.14
C ILE A 505 -15.91 -14.67 35.84
N VAL A 506 -15.46 -15.73 35.18
CA VAL A 506 -16.32 -16.87 34.87
C VAL A 506 -16.85 -17.47 36.17
N ALA A 507 -15.94 -17.62 37.12
CA ALA A 507 -16.26 -18.24 38.40
C ALA A 507 -17.33 -17.46 39.12
N GLN A 508 -17.05 -16.17 39.35
CA GLN A 508 -18.07 -15.31 39.97
C GLN A 508 -19.40 -15.36 39.23
N HIS A 509 -19.35 -15.31 37.90
CA HIS A 509 -20.58 -15.34 37.13
C HIS A 509 -21.41 -16.60 37.38
N PHE A 510 -20.79 -17.78 37.45
CA PHE A 510 -21.65 -18.95 37.65
C PHE A 510 -21.89 -19.26 39.12
N LEU A 511 -21.38 -18.42 40.02
CA LEU A 511 -21.69 -18.62 41.45
C LEU A 511 -22.41 -17.43 42.09
N MET B 1 -15.85 3.32 -2.96
CA MET B 1 -15.62 2.89 -4.35
C MET B 1 -14.12 2.67 -4.70
N ASP B 2 -13.23 3.51 -4.16
CA ASP B 2 -11.79 3.40 -4.45
C ASP B 2 -11.20 2.01 -4.08
N SER B 3 -10.03 1.67 -4.62
CA SER B 3 -9.40 0.37 -4.36
C SER B 3 -7.95 0.52 -4.72
N ASP B 4 -7.12 -0.40 -4.26
CA ASP B 4 -5.67 -0.35 -4.53
C ASP B 4 -5.28 -1.32 -5.63
N THR B 5 -6.29 -1.89 -6.33
CA THR B 5 -6.01 -2.56 -7.61
C THR B 5 -6.97 -1.99 -8.70
N LEU B 6 -6.50 -1.97 -9.93
CA LEU B 6 -7.37 -1.43 -10.99
C LEU B 6 -8.59 -2.37 -11.19
N SER B 7 -8.31 -3.66 -11.19
CA SER B 7 -9.39 -4.61 -11.37
C SER B 7 -10.47 -4.48 -10.26
N GLY B 8 -10.01 -4.28 -9.03
CA GLY B 8 -10.95 -4.06 -7.90
C GLY B 8 -11.80 -2.79 -8.00
N LEU B 9 -11.14 -1.75 -8.46
CA LEU B 9 -11.79 -0.48 -8.65
C LEU B 9 -12.89 -0.62 -9.72
N LEU B 10 -12.56 -1.32 -10.80
CA LEU B 10 -13.53 -1.45 -11.93
C LEU B 10 -14.71 -2.33 -11.55
N GLU B 11 -14.44 -3.34 -10.72
CA GLU B 11 -15.55 -4.15 -10.19
C GLU B 11 -16.55 -3.27 -9.38
N ASN B 12 -16.00 -2.43 -8.49
CA ASN B 12 -16.84 -1.51 -7.72
C ASN B 12 -17.63 -0.56 -8.62
N VAL B 13 -16.95 -0.04 -9.65
CA VAL B 13 -17.65 0.82 -10.61
C VAL B 13 -18.83 0.13 -11.28
N ALA B 14 -18.59 -1.07 -11.77
CA ALA B 14 -19.65 -1.81 -12.45
C ALA B 14 -20.82 -2.07 -11.52
N LYS B 15 -20.52 -2.42 -10.26
CA LYS B 15 -21.65 -2.66 -9.36
C LYS B 15 -22.44 -1.37 -9.06
N LYS B 16 -21.74 -0.24 -8.96
CA LYS B 16 -22.45 1.05 -8.64
C LYS B 16 -23.20 1.67 -9.83
N PHE B 17 -22.62 1.54 -11.01
CA PHE B 17 -23.16 2.18 -12.22
C PHE B 17 -23.38 1.17 -13.33
N PRO B 18 -24.14 0.10 -13.05
CA PRO B 18 -24.16 -0.98 -14.05
C PRO B 18 -24.73 -0.59 -15.42
N ASP B 19 -25.72 0.31 -15.45
CA ASP B 19 -26.37 0.67 -16.69
C ASP B 19 -25.92 1.97 -17.32
N ARG B 20 -24.87 2.59 -16.79
CA ARG B 20 -24.32 3.77 -17.41
C ARG B 20 -23.44 3.29 -18.55
N ARG B 21 -23.33 4.14 -19.55
CA ARG B 21 -22.42 3.83 -20.66
C ARG B 21 -20.97 3.84 -20.22
N ALA B 22 -20.23 2.84 -20.71
CA ALA B 22 -18.81 2.72 -20.50
C ALA B 22 -17.99 2.96 -21.74
N LEU B 23 -18.35 2.29 -22.84
CA LEU B 23 -17.45 2.24 -23.98
C LEU B 23 -18.25 2.18 -25.26
N SER B 24 -18.03 3.15 -26.16
CA SER B 24 -18.71 3.15 -27.46
C SER B 24 -17.65 3.09 -28.55
N VAL B 25 -18.03 2.52 -29.67
CA VAL B 25 -17.31 2.66 -30.91
C VAL B 25 -18.24 3.44 -31.80
N SER B 26 -17.83 4.63 -32.21
CA SER B 26 -18.68 5.54 -32.94
C SER B 26 -19.40 4.84 -34.06
N GLY B 27 -20.73 4.95 -34.03
CA GLY B 27 -21.59 4.43 -35.07
C GLY B 27 -21.90 2.95 -34.96
N LYS B 28 -21.40 2.29 -33.92
CA LYS B 28 -21.49 0.84 -33.88
C LYS B 28 -21.86 0.23 -32.52
N PHE B 29 -20.95 0.33 -31.55
CA PHE B 29 -21.16 -0.36 -30.28
C PHE B 29 -21.44 0.62 -29.16
N ASN B 30 -22.20 0.19 -28.15
CA ASN B 30 -22.39 1.03 -26.96
C ASN B 30 -22.52 0.08 -25.78
N LEU B 31 -21.43 -0.12 -25.05
CA LEU B 31 -21.41 -1.09 -23.96
C LEU B 31 -21.65 -0.35 -22.63
N THR B 32 -22.51 -0.89 -21.77
CA THR B 32 -22.59 -0.38 -20.39
C THR B 32 -21.46 -0.89 -19.51
N HIS B 33 -21.35 -0.32 -18.31
CA HIS B 33 -20.32 -0.83 -17.40
C HIS B 33 -20.56 -2.29 -17.00
N ALA B 34 -21.81 -2.68 -16.77
CA ALA B 34 -22.07 -4.09 -16.40
C ALA B 34 -21.71 -5.05 -17.56
N ARG B 35 -22.10 -4.63 -18.78
CA ARG B 35 -21.85 -5.48 -19.94
C ARG B 35 -20.33 -5.61 -20.14
N LEU B 36 -19.62 -4.48 -20.03
CA LEU B 36 -18.16 -4.51 -20.27
C LEU B 36 -17.51 -5.36 -19.21
N HIS B 37 -17.96 -5.16 -17.97
CA HIS B 37 -17.40 -5.96 -16.87
C HIS B 37 -17.54 -7.46 -17.12
N ASP B 38 -18.73 -7.89 -17.55
CA ASP B 38 -18.93 -9.31 -17.78
C ASP B 38 -18.16 -9.81 -19.00
N LEU B 39 -18.02 -8.96 -20.04
CA LEU B 39 -17.24 -9.40 -21.21
C LEU B 39 -15.79 -9.65 -20.76
N ILE B 40 -15.34 -8.78 -19.89
CA ILE B 40 -13.95 -8.89 -19.40
C ILE B 40 -13.81 -10.17 -18.54
N GLU B 41 -14.77 -10.42 -17.64
CA GLU B 41 -14.66 -11.61 -16.76
C GLU B 41 -14.62 -12.87 -17.61
N ARG B 42 -15.52 -12.91 -18.63
CA ARG B 42 -15.62 -14.14 -19.44
C ARG B 42 -14.36 -14.35 -20.30
N ALA B 43 -13.84 -13.26 -20.86
CA ALA B 43 -12.60 -13.37 -21.63
C ALA B 43 -11.41 -13.76 -20.73
N ALA B 44 -11.34 -13.23 -19.51
CA ALA B 44 -10.29 -13.60 -18.54
C ALA B 44 -10.39 -15.12 -18.21
N SER B 45 -11.62 -15.60 -18.01
CA SER B 45 -11.80 -17.04 -17.82
C SER B 45 -11.29 -17.87 -18.97
N ARG B 46 -11.59 -17.43 -20.20
CA ARG B 46 -11.08 -18.14 -21.33
C ARG B 46 -9.56 -18.10 -21.36
N LEU B 47 -8.95 -16.97 -21.02
CA LEU B 47 -7.46 -16.91 -21.04
C LEU B 47 -6.89 -17.92 -20.05
N VAL B 48 -7.47 -18.01 -18.86
CA VAL B 48 -6.93 -18.92 -17.84
C VAL B 48 -7.18 -20.39 -18.23
N SER B 49 -8.41 -20.72 -18.60
CA SER B 49 -8.82 -22.11 -18.86
C SER B 49 -8.37 -22.65 -20.18
N ASP B 50 -8.34 -21.81 -21.21
CA ASP B 50 -8.15 -22.33 -22.55
C ASP B 50 -6.86 -21.90 -23.19
N ALA B 51 -6.28 -20.78 -22.73
CA ALA B 51 -5.00 -20.31 -23.28
C ALA B 51 -3.87 -20.57 -22.31
N GLY B 52 -4.19 -21.16 -21.14
CA GLY B 52 -3.17 -21.49 -20.17
C GLY B 52 -2.45 -20.31 -19.49
N ILE B 53 -3.10 -19.15 -19.41
CA ILE B 53 -2.44 -17.98 -18.81
C ILE B 53 -2.40 -18.08 -17.30
N LYS B 54 -1.20 -17.98 -16.74
CA LYS B 54 -0.94 -18.11 -15.30
C LYS B 54 -0.54 -16.77 -14.71
N PRO B 55 -0.69 -16.59 -13.38
CA PRO B 55 -0.32 -15.34 -12.76
C PRO B 55 1.15 -14.98 -13.04
N GLY B 56 1.40 -13.75 -13.46
CA GLY B 56 2.73 -13.31 -13.82
C GLY B 56 3.09 -13.49 -15.30
N ASP B 57 2.32 -14.26 -16.07
CA ASP B 57 2.61 -14.38 -17.51
C ASP B 57 2.45 -13.00 -18.20
N VAL B 58 3.21 -12.79 -19.27
CA VAL B 58 3.08 -11.56 -20.07
C VAL B 58 2.35 -11.87 -21.36
N VAL B 59 1.34 -11.07 -21.68
CA VAL B 59 0.56 -11.25 -22.91
C VAL B 59 0.70 -9.97 -23.75
N ALA B 60 1.21 -10.10 -24.97
CA ALA B 60 1.40 -8.98 -25.86
C ALA B 60 0.11 -8.68 -26.59
N LEU B 61 -0.19 -7.41 -26.82
CA LEU B 61 -1.40 -7.06 -27.59
C LEU B 61 -1.05 -6.11 -28.70
N THR B 62 -1.52 -6.34 -29.91
CA THR B 62 -1.36 -5.30 -30.89
C THR B 62 -2.65 -5.16 -31.68
N PHE B 63 -3.28 -4.00 -31.47
CA PHE B 63 -4.61 -3.65 -31.99
C PHE B 63 -4.60 -2.19 -32.35
N PRO B 64 -5.48 -1.75 -33.25
CA PRO B 64 -5.84 -0.32 -33.28
C PRO B 64 -6.62 0.06 -32.02
N ASN B 65 -7.17 1.28 -31.97
CA ASN B 65 -7.93 1.65 -30.77
C ASN B 65 -9.32 1.10 -30.88
N THR B 66 -9.52 -0.13 -30.43
CA THR B 66 -10.75 -0.85 -30.73
C THR B 66 -11.37 -1.43 -29.46
N VAL B 67 -12.61 -1.87 -29.57
CA VAL B 67 -13.27 -2.41 -28.37
C VAL B 67 -12.58 -3.70 -27.93
N GLU B 68 -12.06 -4.48 -28.88
CA GLU B 68 -11.39 -5.74 -28.50
C GLU B 68 -10.12 -5.45 -27.76
N PHE B 69 -9.42 -4.37 -28.15
CA PHE B 69 -8.24 -4.03 -27.38
C PHE B 69 -8.60 -3.71 -25.91
N VAL B 70 -9.63 -2.92 -25.71
CA VAL B 70 -10.03 -2.57 -24.33
C VAL B 70 -10.40 -3.81 -23.51
N ILE B 71 -11.26 -4.64 -24.09
CA ILE B 71 -11.73 -5.85 -23.37
C ILE B 71 -10.53 -6.76 -23.07
N MET B 72 -9.66 -7.00 -24.05
CA MET B 72 -8.55 -7.94 -23.84
C MET B 72 -7.46 -7.38 -22.93
N PHE B 73 -7.22 -6.06 -22.97
CA PHE B 73 -6.30 -5.44 -22.03
C PHE B 73 -6.75 -5.70 -20.59
N LEU B 74 -8.05 -5.42 -20.36
CA LEU B 74 -8.55 -5.59 -18.98
C LEU B 74 -8.70 -7.08 -18.60
N ALA B 75 -8.96 -7.96 -19.56
CA ALA B 75 -9.08 -9.40 -19.27
C ALA B 75 -7.71 -9.98 -18.89
N VAL B 76 -6.67 -9.54 -19.61
CA VAL B 76 -5.28 -9.98 -19.31
C VAL B 76 -4.98 -9.56 -17.88
N ILE B 77 -5.18 -8.28 -17.52
CA ILE B 77 -4.80 -7.99 -16.12
C ILE B 77 -5.71 -8.66 -15.09
N ARG B 78 -7.01 -8.81 -15.40
CA ARG B 78 -7.91 -9.54 -14.53
C ARG B 78 -7.45 -10.97 -14.26
N ALA B 79 -6.85 -11.61 -15.26
CA ALA B 79 -6.36 -12.99 -15.10
C ALA B 79 -5.00 -13.06 -14.33
N ARG B 80 -4.59 -11.93 -13.75
CA ARG B 80 -3.31 -11.75 -12.99
C ARG B 80 -2.10 -11.81 -13.91
N ALA B 81 -2.34 -11.54 -15.19
CA ALA B 81 -1.25 -11.45 -16.14
C ALA B 81 -0.88 -10.00 -16.42
N THR B 82 0.22 -9.81 -17.15
CA THR B 82 0.75 -8.49 -17.48
C THR B 82 0.49 -8.19 -18.95
N ALA B 83 -0.18 -7.06 -19.25
CA ALA B 83 -0.42 -6.69 -20.65
C ALA B 83 0.78 -5.92 -21.21
N ALA B 84 1.24 -6.29 -22.42
CA ALA B 84 2.30 -5.59 -23.13
C ALA B 84 1.77 -5.10 -24.48
N PRO B 85 1.13 -3.93 -24.47
CA PRO B 85 0.59 -3.36 -25.71
C PRO B 85 1.73 -2.94 -26.61
N LEU B 86 1.60 -3.21 -27.90
CA LEU B 86 2.67 -2.88 -28.86
C LEU B 86 2.10 -2.12 -30.06
N ASN B 87 2.86 -1.13 -30.57
CA ASN B 87 2.51 -0.38 -31.78
C ASN B 87 2.27 -1.30 -32.94
N ALA B 88 1.08 -1.26 -33.57
CA ALA B 88 0.81 -2.17 -34.69
C ALA B 88 1.76 -1.90 -35.86
N ALA B 89 2.40 -0.74 -35.87
CA ALA B 89 3.20 -0.34 -37.03
C ALA B 89 4.65 -0.84 -36.99
N TYR B 90 5.01 -1.61 -35.98
CA TYR B 90 6.36 -2.14 -35.86
C TYR B 90 6.73 -3.08 -37.04
N THR B 91 8.02 -3.12 -37.39
CA THR B 91 8.50 -4.12 -38.34
C THR B 91 8.58 -5.48 -37.68
N ALA B 92 8.76 -6.55 -38.45
CA ALA B 92 8.89 -7.87 -37.87
C ALA B 92 10.08 -7.94 -36.91
N GLU B 93 11.16 -7.25 -37.25
CA GLU B 93 12.35 -7.26 -36.38
C GLU B 93 12.09 -6.54 -35.05
N GLU B 94 11.43 -5.39 -35.13
CA GLU B 94 11.06 -4.67 -33.94
C GLU B 94 10.13 -5.53 -33.07
N PHE B 95 9.10 -6.14 -33.68
CA PHE B 95 8.21 -6.99 -32.91
C PHE B 95 8.96 -8.14 -32.26
N GLU B 96 9.93 -8.71 -32.97
CA GLU B 96 10.68 -9.82 -32.38
C GLU B 96 11.42 -9.35 -31.16
N PHE B 97 12.00 -8.16 -31.28
CA PHE B 97 12.70 -7.61 -30.15
C PHE B 97 11.77 -7.38 -28.95
N TYR B 98 10.63 -6.73 -29.18
CA TYR B 98 9.78 -6.37 -28.05
C TYR B 98 9.06 -7.58 -27.41
N LEU B 99 8.71 -8.55 -28.26
CA LEU B 99 8.13 -9.82 -27.78
C LEU B 99 9.14 -10.56 -26.95
N SER B 100 10.40 -10.67 -27.44
CA SER B 100 11.42 -11.33 -26.63
C SER B 100 11.76 -10.60 -25.31
N ASP B 101 11.98 -9.29 -25.37
CA ASP B 101 12.38 -8.52 -24.20
C ASP B 101 11.32 -8.48 -23.08
N SER B 102 10.05 -8.52 -23.47
CA SER B 102 8.95 -8.50 -22.50
C SER B 102 8.64 -9.92 -21.94
N ASP B 103 9.27 -10.96 -22.50
CA ASP B 103 8.97 -12.36 -22.18
C ASP B 103 7.51 -12.77 -22.47
N SER B 104 6.93 -12.19 -23.53
CA SER B 104 5.56 -12.52 -23.94
C SER B 104 5.37 -14.01 -24.19
N LYS B 105 4.24 -14.53 -23.70
CA LYS B 105 3.89 -15.96 -23.79
C LYS B 105 2.74 -16.13 -24.76
N LEU B 106 2.12 -15.02 -25.13
CA LEU B 106 0.94 -15.06 -26.00
C LEU B 106 0.84 -13.74 -26.76
N LEU B 107 0.43 -13.78 -28.02
CA LEU B 107 0.20 -12.58 -28.80
C LEU B 107 -1.27 -12.48 -29.17
N LEU B 108 -1.93 -11.41 -28.76
CA LEU B 108 -3.33 -11.15 -29.19
C LEU B 108 -3.39 -10.09 -30.27
N THR B 109 -4.22 -10.33 -31.27
CA THR B 109 -4.55 -9.35 -32.32
C THR B 109 -6.03 -9.45 -32.65
N SER B 110 -6.47 -8.55 -33.52
CA SER B 110 -7.77 -8.65 -34.16
C SER B 110 -7.85 -9.82 -35.13
N LYS B 111 -9.05 -10.09 -35.65
CA LYS B 111 -9.17 -11.18 -36.60
C LYS B 111 -8.43 -10.82 -37.88
N GLU B 112 -8.25 -9.52 -38.14
CA GLU B 112 -7.48 -9.13 -39.34
C GLU B 112 -6.00 -9.51 -39.23
N GLY B 113 -5.49 -9.63 -38.02
CA GLY B 113 -4.12 -10.09 -37.81
C GLY B 113 -3.09 -8.97 -37.94
N ASN B 114 -1.82 -9.32 -37.78
CA ASN B 114 -0.73 -8.39 -37.97
C ASN B 114 0.45 -9.20 -38.51
N ALA B 115 0.71 -9.11 -39.81
CA ALA B 115 1.67 -10.05 -40.41
C ALA B 115 3.07 -9.89 -39.80
N PRO B 116 3.57 -8.66 -39.63
CA PRO B 116 4.89 -8.63 -38.98
C PRO B 116 4.93 -9.18 -37.54
N ALA B 117 3.89 -8.90 -36.75
CA ALA B 117 3.90 -9.41 -35.38
C ALA B 117 3.76 -10.92 -35.38
N GLN B 118 2.93 -11.44 -36.28
CA GLN B 118 2.72 -12.90 -36.38
C GLN B 118 3.98 -13.62 -36.88
N GLU B 119 4.71 -12.97 -37.77
CA GLU B 119 6.01 -13.48 -38.27
C GLU B 119 6.96 -13.59 -37.11
N ALA B 120 7.06 -12.49 -36.36
CA ALA B 120 7.94 -12.44 -35.21
C ALA B 120 7.55 -13.48 -34.14
N ALA B 121 6.26 -13.61 -33.88
CA ALA B 121 5.77 -14.54 -32.88
C ALA B 121 6.07 -15.99 -33.32
N SER B 122 5.87 -16.30 -34.60
CA SER B 122 6.20 -17.63 -35.12
C SER B 122 7.66 -17.97 -34.93
N LYS B 123 8.51 -17.02 -35.28
CA LYS B 123 9.95 -17.24 -35.16
C LYS B 123 10.29 -17.50 -33.70
N LEU B 124 9.58 -16.87 -32.77
CA LEU B 124 9.88 -17.05 -31.35
C LEU B 124 9.06 -18.13 -30.70
N LYS B 125 8.23 -18.82 -31.47
CA LYS B 125 7.36 -19.88 -30.97
C LYS B 125 6.37 -19.35 -29.91
N ILE B 126 5.82 -18.18 -30.15
CA ILE B 126 4.81 -17.62 -29.24
C ILE B 126 3.39 -17.81 -29.84
N SER B 127 2.45 -18.36 -29.07
CA SER B 127 1.09 -18.59 -29.62
C SER B 127 0.41 -17.28 -30.04
N HIS B 128 -0.40 -17.35 -31.07
CA HIS B 128 -1.10 -16.20 -31.57
C HIS B 128 -2.59 -16.49 -31.51
N VAL B 129 -3.34 -15.58 -30.90
CA VAL B 129 -4.79 -15.74 -30.75
C VAL B 129 -5.49 -14.46 -31.20
N THR B 130 -6.64 -14.58 -31.86
CA THR B 130 -7.38 -13.42 -32.29
C THR B 130 -8.60 -13.24 -31.38
N ALA B 131 -9.07 -12.00 -31.32
CA ALA B 131 -10.19 -11.60 -30.48
C ALA B 131 -11.16 -10.76 -31.32
N THR B 132 -12.45 -11.12 -31.27
CA THR B 132 -13.48 -10.43 -32.02
C THR B 132 -14.78 -10.27 -31.23
N LEU B 133 -15.31 -9.05 -31.20
CA LEU B 133 -16.62 -8.80 -30.57
C LEU B 133 -17.66 -8.74 -31.64
N LEU B 134 -18.68 -9.56 -31.53
CA LEU B 134 -19.68 -9.66 -32.58
C LEU B 134 -20.89 -8.78 -32.35
N ASP B 135 -21.67 -9.13 -31.34
CA ASP B 135 -22.94 -8.44 -31.08
C ASP B 135 -23.24 -8.49 -29.59
N ALA B 136 -24.31 -7.83 -29.18
CA ALA B 136 -24.60 -7.68 -27.76
C ALA B 136 -25.17 -8.97 -27.12
N GLY B 137 -25.38 -10.02 -27.91
CA GLY B 137 -25.89 -11.27 -27.37
C GLY B 137 -24.78 -12.29 -27.11
N SER B 138 -23.55 -11.94 -27.48
CA SER B 138 -22.49 -12.96 -27.52
C SER B 138 -21.25 -12.53 -26.76
N ASP B 139 -20.52 -13.48 -26.17
CA ASP B 139 -19.22 -13.17 -25.54
C ASP B 139 -18.18 -12.80 -26.63
N LEU B 140 -17.08 -12.19 -26.21
CA LEU B 140 -16.00 -11.96 -27.13
C LEU B 140 -15.49 -13.32 -27.60
N VAL B 141 -15.24 -13.46 -28.89
CA VAL B 141 -14.77 -14.72 -29.47
C VAL B 141 -13.24 -14.75 -29.57
N LEU B 142 -12.61 -15.73 -28.94
CA LEU B 142 -11.16 -15.92 -29.03
C LEU B 142 -10.91 -17.15 -29.89
N SER B 143 -9.85 -17.12 -30.69
CA SER B 143 -9.58 -18.22 -31.62
C SER B 143 -8.87 -19.39 -30.94
N VAL B 144 -9.11 -19.59 -29.66
CA VAL B 144 -8.54 -20.76 -28.99
C VAL B 144 -9.69 -21.72 -28.72
N ALA B 145 -9.41 -23.01 -28.84
CA ALA B 145 -10.42 -24.04 -28.64
C ALA B 145 -10.99 -24.06 -27.22
N ASP B 146 -12.25 -24.47 -27.12
CA ASP B 146 -12.89 -24.78 -25.85
C ASP B 146 -12.30 -26.07 -25.27
N ASP B 152 -16.87 -17.99 -14.93
CA ASP B 152 -16.18 -19.24 -14.65
C ASP B 152 -14.83 -19.13 -13.91
N SER B 153 -13.76 -19.52 -14.57
CA SER B 153 -12.49 -19.74 -13.90
C SER B 153 -11.79 -18.46 -13.49
N ALA B 154 -12.40 -17.34 -13.82
CA ALA B 154 -11.83 -16.09 -13.46
C ALA B 154 -12.32 -15.65 -12.11
N THR B 155 -13.52 -16.06 -11.76
CA THR B 155 -14.20 -15.55 -10.57
C THR B 155 -13.38 -15.62 -9.28
N GLU B 156 -12.93 -16.84 -8.94
CA GLU B 156 -12.04 -17.12 -7.80
C GLU B 156 -10.79 -16.24 -7.74
N LEU B 157 -10.21 -15.90 -8.89
CA LEU B 157 -8.96 -15.15 -8.94
C LEU B 157 -8.99 -13.88 -8.11
N VAL B 158 -7.91 -13.69 -7.36
CA VAL B 158 -7.72 -12.53 -6.52
C VAL B 158 -6.63 -11.68 -7.15
N ASN B 159 -6.92 -10.42 -7.43
CA ASN B 159 -5.87 -9.53 -7.97
C ASN B 159 -5.11 -8.86 -6.85
N HIS B 160 -3.78 -9.00 -6.88
CA HIS B 160 -2.95 -8.46 -5.82
C HIS B 160 -2.41 -7.11 -6.27
N PRO B 161 -2.33 -6.13 -5.39
CA PRO B 161 -1.74 -4.83 -5.73
C PRO B 161 -0.35 -4.97 -6.29
N ASP B 162 0.42 -5.95 -5.85
CA ASP B 162 1.77 -6.03 -6.41
C ASP B 162 1.88 -6.91 -7.63
N ASP B 163 0.77 -7.43 -8.15
CA ASP B 163 0.80 -8.16 -9.42
C ASP B 163 1.21 -7.21 -10.54
N GLY B 164 2.04 -7.69 -11.46
CA GLY B 164 2.33 -6.88 -12.66
C GLY B 164 1.06 -6.76 -13.48
N ALA B 165 0.88 -5.63 -14.16
CA ALA B 165 -0.33 -5.43 -14.93
C ALA B 165 -0.04 -4.85 -16.32
N LEU B 166 1.02 -4.04 -16.42
CA LEU B 166 1.30 -3.32 -17.68
C LEU B 166 2.81 -3.29 -17.87
N PHE B 167 3.26 -3.57 -19.09
CA PHE B 167 4.68 -3.51 -19.35
C PHE B 167 4.87 -2.70 -20.58
N LEU B 168 5.72 -1.67 -20.48
CA LEU B 168 5.94 -0.70 -21.56
C LEU B 168 7.43 -0.43 -21.71
N HIS B 169 7.83 0.15 -22.82
CA HIS B 169 9.22 0.64 -22.99
C HIS B 169 9.27 2.16 -23.03
N THR B 170 10.40 2.75 -22.63
CA THR B 170 10.53 4.21 -22.72
C THR B 170 10.60 4.69 -24.18
N SER B 171 10.00 5.87 -24.45
CA SER B 171 9.75 6.34 -25.83
C SER B 171 10.99 6.58 -26.73
N GLY B 172 12.20 6.55 -26.15
CA GLY B 172 13.42 6.66 -26.92
C GLY B 172 13.91 8.06 -27.26
N THR B 173 13.41 9.09 -26.55
CA THR B 173 13.75 10.50 -26.85
C THR B 173 15.24 10.82 -26.54
N THR B 174 15.72 10.48 -25.34
CA THR B 174 17.10 10.79 -24.92
C THR B 174 17.97 9.55 -24.68
N SER B 175 17.44 8.38 -25.02
CA SER B 175 18.14 7.12 -24.72
C SER B 175 17.58 5.99 -25.57
N ARG B 176 18.19 4.81 -25.44
CA ARG B 176 17.61 3.59 -25.99
C ARG B 176 16.62 3.01 -24.96
N PRO B 177 15.39 2.70 -25.39
CA PRO B 177 14.28 2.27 -24.52
C PRO B 177 14.57 1.17 -23.47
N LYS B 178 14.17 1.48 -22.23
CA LYS B 178 14.24 0.59 -21.07
C LYS B 178 12.82 -0.02 -20.86
N GLY B 179 12.74 -1.25 -20.36
CA GLY B 179 11.46 -1.85 -20.02
C GLY B 179 10.91 -1.36 -18.69
N VAL B 180 9.62 -0.97 -18.66
CA VAL B 180 9.01 -0.44 -17.45
C VAL B 180 7.84 -1.32 -17.02
N PRO B 181 7.99 -2.10 -15.95
CA PRO B 181 6.90 -2.88 -15.37
C PRO B 181 6.09 -2.04 -14.38
N LEU B 182 4.76 -2.10 -14.57
CA LEU B 182 3.83 -1.35 -13.75
C LEU B 182 2.81 -2.32 -13.20
N THR B 183 2.47 -2.14 -11.93
CA THR B 183 1.63 -3.09 -11.21
C THR B 183 0.14 -2.67 -11.19
N GLN B 184 -0.71 -3.56 -10.65
CA GLN B 184 -2.11 -3.21 -10.35
C GLN B 184 -2.18 -1.95 -9.48
N LEU B 185 -1.30 -1.90 -8.48
CA LEU B 185 -1.27 -0.77 -7.58
C LEU B 185 -0.86 0.54 -8.32
N ASN B 186 0.15 0.46 -9.18
CA ASN B 186 0.60 1.61 -10.01
C ASN B 186 -0.62 2.16 -10.78
N LEU B 187 -1.31 1.25 -11.47
CA LEU B 187 -2.48 1.65 -12.27
C LEU B 187 -3.60 2.25 -11.42
N ALA B 188 -3.94 1.57 -10.31
CA ALA B 188 -5.03 2.07 -9.46
C ALA B 188 -4.68 3.46 -8.91
N SER B 189 -3.41 3.67 -8.51
CA SER B 189 -3.01 4.94 -7.97
C SER B 189 -3.16 6.04 -9.02
N SER B 190 -2.64 5.80 -10.22
CA SER B 190 -2.75 6.88 -11.22
C SER B 190 -4.20 7.14 -11.61
N VAL B 191 -5.00 6.08 -11.71
CA VAL B 191 -6.40 6.32 -12.00
C VAL B 191 -7.07 7.22 -10.92
N LYS B 192 -6.83 6.89 -9.65
CA LYS B 192 -7.35 7.72 -8.58
C LYS B 192 -6.83 9.16 -8.66
N ASN B 193 -5.54 9.35 -8.96
CA ASN B 193 -4.98 10.70 -9.10
C ASN B 193 -5.65 11.54 -10.22
N ILE B 194 -5.77 10.91 -11.38
CA ILE B 194 -6.36 11.58 -12.55
C ILE B 194 -7.81 11.90 -12.27
N LYS B 195 -8.56 10.95 -11.72
CA LYS B 195 -9.92 11.28 -11.48
C LYS B 195 -10.07 12.35 -10.39
N ALA B 196 -9.17 12.40 -9.42
CA ALA B 196 -9.28 13.40 -8.39
C ALA B 196 -9.00 14.79 -8.93
N VAL B 197 -7.91 14.97 -9.65
CA VAL B 197 -7.57 16.34 -10.02
C VAL B 197 -8.56 16.88 -11.08
N TYR B 198 -9.18 16.02 -11.92
CA TYR B 198 -10.14 16.56 -12.90
C TYR B 198 -11.61 16.39 -12.43
N LYS B 199 -11.79 15.90 -11.19
CA LYS B 199 -13.14 15.56 -10.68
C LYS B 199 -13.95 14.82 -11.72
N LEU B 200 -13.37 13.74 -12.27
CA LEU B 200 -14.14 12.89 -13.19
C LEU B 200 -15.26 12.21 -12.42
N THR B 201 -16.45 12.18 -13.00
CA THR B 201 -17.58 11.48 -12.43
C THR B 201 -18.31 10.71 -13.51
N GLU B 202 -19.39 10.07 -13.10
CA GLU B 202 -20.03 9.17 -14.03
C GLU B 202 -20.76 9.90 -15.14
N SER B 203 -20.94 11.22 -15.02
CA SER B 203 -21.52 12.04 -16.07
CA SER B 203 -21.54 11.97 -16.13
C SER B 203 -20.53 12.44 -17.17
N ASP B 204 -19.25 12.18 -16.97
CA ASP B 204 -18.25 12.63 -17.96
C ASP B 204 -18.17 11.68 -19.14
N SER B 205 -17.59 12.19 -20.23
CA SER B 205 -17.58 11.47 -21.47
C SER B 205 -16.45 12.00 -22.31
N THR B 206 -15.72 11.13 -23.01
CA THR B 206 -14.61 11.63 -23.83
C THR B 206 -14.43 10.77 -25.09
N VAL B 207 -13.68 11.31 -26.06
CA VAL B 207 -13.32 10.62 -27.30
C VAL B 207 -11.80 10.41 -27.28
N ILE B 208 -11.36 9.20 -27.50
CA ILE B 208 -9.91 8.86 -27.46
C ILE B 208 -9.26 9.32 -28.79
N VAL B 209 -8.21 10.15 -28.69
CA VAL B 209 -7.52 10.66 -29.88
C VAL B 209 -6.03 10.37 -29.87
N LEU B 210 -5.62 9.49 -28.96
CA LEU B 210 -4.20 9.10 -28.83
C LEU B 210 -4.08 7.59 -28.86
N PRO B 211 -2.91 7.04 -29.24
CA PRO B 211 -2.76 5.59 -29.21
C PRO B 211 -2.86 5.01 -27.79
N LEU B 212 -3.61 3.91 -27.67
CA LEU B 212 -3.82 3.24 -26.35
C LEU B 212 -2.64 2.33 -25.97
N PHE B 213 -1.60 2.26 -26.80
CA PHE B 213 -0.37 1.54 -26.42
C PHE B 213 0.68 2.47 -25.75
N HIS B 214 0.33 3.73 -25.51
CA HIS B 214 1.18 4.68 -24.71
CA HIS B 214 1.20 4.60 -24.68
C HIS B 214 0.38 5.03 -23.44
N VAL B 215 1.04 5.37 -22.32
CA VAL B 215 0.27 5.62 -21.09
C VAL B 215 -0.63 6.81 -21.11
N HIS B 216 -0.42 7.82 -21.99
CA HIS B 216 -1.29 9.01 -21.90
C HIS B 216 -2.73 8.60 -22.25
N GLY B 217 -2.90 8.09 -23.46
CA GLY B 217 -4.23 7.68 -23.93
C GLY B 217 -4.77 6.56 -23.05
N LEU B 218 -3.90 5.63 -22.67
CA LEU B 218 -4.36 4.50 -21.85
C LEU B 218 -4.85 4.88 -20.44
N LEU B 219 -4.02 5.60 -19.66
CA LEU B 219 -4.34 5.91 -18.25
C LEU B 219 -5.31 7.03 -18.19
N ALA B 220 -5.09 8.09 -18.97
CA ALA B 220 -5.94 9.27 -18.81
C ALA B 220 -7.26 9.15 -19.56
N GLY B 221 -7.18 8.93 -20.85
CA GLY B 221 -8.42 8.85 -21.65
C GLY B 221 -9.29 7.64 -21.30
N LEU B 222 -8.66 6.46 -21.25
CA LEU B 222 -9.43 5.22 -21.12
C LEU B 222 -9.63 4.81 -19.65
N LEU B 223 -8.55 4.48 -18.95
CA LEU B 223 -8.74 3.80 -17.65
C LEU B 223 -9.31 4.72 -16.57
N SER B 224 -8.94 6.00 -16.56
CA SER B 224 -9.44 6.89 -15.53
C SER B 224 -10.92 7.20 -15.75
N SER B 225 -11.32 7.31 -17.02
CA SER B 225 -12.77 7.43 -17.34
C SER B 225 -13.53 6.23 -16.82
N LEU B 226 -13.04 5.03 -17.14
CA LEU B 226 -13.76 3.81 -16.75
C LEU B 226 -13.83 3.73 -15.20
N GLY B 227 -12.75 4.12 -14.60
CA GLY B 227 -12.63 4.09 -13.13
C GLY B 227 -13.52 5.09 -12.43
N ALA B 228 -14.03 6.07 -13.18
CA ALA B 228 -15.01 7.02 -12.63
C ALA B 228 -16.47 6.66 -12.89
N GLY B 229 -16.70 5.59 -13.62
CA GLY B 229 -18.03 5.24 -14.12
C GLY B 229 -18.42 6.14 -15.31
N ALA B 230 -17.44 6.85 -15.85
CA ALA B 230 -17.64 7.74 -17.01
C ALA B 230 -17.66 6.93 -18.33
N ALA B 231 -17.82 7.61 -19.48
CA ALA B 231 -17.85 6.91 -20.77
C ALA B 231 -16.70 7.33 -21.68
N VAL B 232 -16.31 6.39 -22.53
CA VAL B 232 -15.26 6.60 -23.51
C VAL B 232 -15.76 6.22 -24.89
N THR B 233 -15.48 7.05 -25.90
CA THR B 233 -15.85 6.71 -27.28
C THR B 233 -14.58 6.52 -28.13
N LEU B 234 -14.51 5.42 -28.85
CA LEU B 234 -13.41 5.15 -29.77
C LEU B 234 -13.87 5.55 -31.18
N PRO B 235 -13.04 6.30 -31.88
CA PRO B 235 -13.38 6.61 -33.30
C PRO B 235 -13.58 5.36 -34.15
N ALA B 236 -14.50 5.46 -35.11
CA ALA B 236 -14.84 4.35 -35.97
C ALA B 236 -13.61 3.73 -36.63
N ALA B 237 -12.62 4.52 -36.97
CA ALA B 237 -11.52 3.92 -37.69
C ALA B 237 -10.35 3.53 -36.81
N GLY B 238 -10.49 3.61 -35.48
CA GLY B 238 -9.47 3.08 -34.58
C GLY B 238 -8.22 3.96 -34.40
N ARG B 239 -8.35 5.19 -34.84
CA ARG B 239 -7.29 6.18 -34.67
C ARG B 239 -7.91 7.58 -34.77
N PHE B 240 -7.15 8.57 -34.35
CA PHE B 240 -7.61 9.96 -34.41
C PHE B 240 -7.93 10.34 -35.84
N SER B 241 -9.07 11.00 -36.03
CA SER B 241 -9.39 11.61 -37.32
C SER B 241 -9.79 13.06 -37.07
N ALA B 242 -9.15 14.03 -37.69
CA ALA B 242 -9.55 15.42 -37.43
C ALA B 242 -10.96 15.68 -37.93
N THR B 243 -11.39 14.91 -38.93
CA THR B 243 -12.66 15.12 -39.57
C THR B 243 -13.86 14.61 -38.76
N THR B 244 -13.67 13.50 -38.07
CA THR B 244 -14.81 12.94 -37.31
C THR B 244 -14.78 13.31 -35.82
N PHE B 245 -13.71 13.98 -35.38
CA PHE B 245 -13.51 14.31 -33.95
C PHE B 245 -14.70 15.07 -33.34
N TRP B 246 -15.05 16.25 -33.88
CA TRP B 246 -16.10 17.02 -33.25
C TRP B 246 -17.47 16.39 -33.45
N PRO B 247 -17.73 15.79 -34.62
CA PRO B 247 -19.02 15.04 -34.69
C PRO B 247 -19.18 13.96 -33.64
N ASP B 248 -18.11 13.21 -33.39
CA ASP B 248 -18.13 12.22 -32.28
C ASP B 248 -18.26 12.84 -30.89
N MET B 249 -17.52 13.92 -30.62
CA MET B 249 -17.60 14.60 -29.37
C MET B 249 -19.04 15.08 -29.10
N LYS B 250 -19.67 15.59 -30.14
CA LYS B 250 -21.04 16.05 -29.98
C LYS B 250 -22.03 14.90 -29.77
N LYS B 251 -21.94 13.92 -30.64
CA LYS B 251 -22.92 12.82 -30.65
C LYS B 251 -22.88 11.99 -29.36
N TYR B 252 -21.69 11.83 -28.80
CA TYR B 252 -21.58 11.02 -27.57
C TYR B 252 -21.41 11.91 -26.33
N ASN B 253 -21.85 13.18 -26.42
CA ASN B 253 -22.06 14.03 -25.21
C ASN B 253 -20.77 14.23 -24.44
N ALA B 254 -19.68 14.39 -25.16
CA ALA B 254 -18.37 14.55 -24.49
C ALA B 254 -18.33 15.79 -23.62
N THR B 255 -17.56 15.68 -22.52
CA THR B 255 -17.37 16.78 -21.55
C THR B 255 -15.92 17.21 -21.43
N TRP B 256 -15.02 16.44 -22.02
CA TRP B 256 -13.59 16.81 -21.99
C TRP B 256 -12.84 15.99 -23.05
N TYR B 257 -11.57 16.33 -23.31
CA TYR B 257 -10.67 15.42 -24.00
C TYR B 257 -9.24 15.73 -23.62
N THR B 258 -8.37 14.78 -23.92
CA THR B 258 -6.96 15.02 -23.63
C THR B 258 -6.15 14.67 -24.87
N ALA B 259 -5.08 15.44 -25.11
CA ALA B 259 -4.25 15.17 -26.25
C ALA B 259 -2.87 15.74 -26.02
N VAL B 260 -1.99 15.47 -26.96
CA VAL B 260 -0.64 16.09 -26.93
C VAL B 260 -0.64 17.35 -27.81
N PRO B 261 0.33 18.27 -27.59
CA PRO B 261 0.30 19.53 -28.34
C PRO B 261 0.23 19.36 -29.88
N THR B 262 0.92 18.40 -30.48
CA THR B 262 0.84 18.30 -31.94
C THR B 262 -0.57 17.89 -32.42
N ILE B 263 -1.29 17.09 -31.61
CA ILE B 263 -2.68 16.76 -31.98
C ILE B 263 -3.58 17.99 -31.77
N HIS B 264 -3.39 18.70 -30.65
CA HIS B 264 -4.12 19.98 -30.48
C HIS B 264 -3.88 20.97 -31.66
N GLN B 265 -2.65 21.02 -32.15
CA GLN B 265 -2.36 21.88 -33.31
C GLN B 265 -3.14 21.39 -34.56
N ILE B 266 -3.22 20.07 -34.78
CA ILE B 266 -4.01 19.59 -35.95
C ILE B 266 -5.51 19.96 -35.80
N ILE B 267 -6.00 19.84 -34.57
CA ILE B 267 -7.39 20.19 -34.28
C ILE B 267 -7.63 21.69 -34.51
N LEU B 268 -6.64 22.50 -34.13
CA LEU B 268 -6.74 23.95 -34.38
C LEU B 268 -6.71 24.28 -35.87
N ASP B 269 -5.87 23.59 -36.59
CA ASP B 269 -5.81 23.79 -38.06
C ASP B 269 -7.16 23.46 -38.71
N ARG B 270 -7.75 22.36 -38.26
CA ARG B 270 -9.07 21.94 -38.78
C ARG B 270 -10.13 23.00 -38.47
N HIS B 271 -10.05 23.58 -37.27
CA HIS B 271 -10.98 24.65 -36.91
C HIS B 271 -10.76 25.89 -37.78
N ALA B 272 -9.52 26.13 -38.16
CA ALA B 272 -9.24 27.31 -39.00
C ALA B 272 -9.84 27.08 -40.37
N SER B 273 -9.72 25.87 -40.90
CA SER B 273 -10.21 25.64 -42.27
C SER B 273 -11.66 25.13 -42.42
N HIS B 274 -12.20 24.53 -41.37
CA HIS B 274 -13.57 24.02 -41.37
C HIS B 274 -14.14 24.16 -39.98
N PRO B 275 -14.41 25.40 -39.56
CA PRO B 275 -15.02 25.56 -38.24
C PRO B 275 -16.40 24.90 -38.15
N GLU B 276 -16.69 24.27 -37.02
CA GLU B 276 -18.03 23.75 -36.78
C GLU B 276 -18.97 24.94 -36.57
N THR B 277 -20.25 24.82 -36.94
CA THR B 277 -21.16 25.93 -36.70
C THR B 277 -21.37 26.10 -35.19
N GLU B 278 -21.31 24.99 -34.47
CA GLU B 278 -21.27 25.02 -33.02
C GLU B 278 -20.45 23.87 -32.41
N TYR B 279 -19.84 24.17 -31.27
CA TYR B 279 -19.02 23.22 -30.50
C TYR B 279 -19.71 22.86 -29.20
N PRO B 280 -19.49 21.65 -28.69
CA PRO B 280 -20.00 21.34 -27.36
C PRO B 280 -19.29 22.15 -26.27
N LYS B 281 -19.98 22.45 -25.19
CA LYS B 281 -19.40 23.18 -24.08
C LYS B 281 -18.67 22.16 -23.21
N LEU B 282 -17.36 22.14 -23.22
CA LEU B 282 -16.61 21.16 -22.42
C LEU B 282 -16.23 21.69 -21.04
N ARG B 283 -16.08 20.80 -20.05
CA ARG B 283 -15.61 21.18 -18.72
C ARG B 283 -14.16 21.65 -18.80
N PHE B 284 -13.35 20.96 -19.59
CA PHE B 284 -11.94 21.34 -19.75
C PHE B 284 -11.36 20.60 -20.96
N ILE B 285 -10.19 21.06 -21.40
CA ILE B 285 -9.39 20.41 -22.42
C ILE B 285 -8.05 20.19 -21.78
N ARG B 286 -7.50 18.99 -21.93
CA ARG B 286 -6.20 18.68 -21.29
C ARG B 286 -5.07 18.53 -22.29
N SER B 287 -3.87 18.95 -21.89
CA SER B 287 -2.67 18.73 -22.73
C SER B 287 -1.59 18.10 -21.87
N CYS B 288 -0.82 17.17 -22.42
CA CYS B 288 0.25 16.50 -21.65
C CYS B 288 1.28 15.95 -22.62
N SER B 289 2.42 15.47 -22.09
CA SER B 289 3.43 14.64 -22.78
C SER B 289 4.53 15.45 -23.44
N ALA B 290 4.24 16.70 -23.79
CA ALA B 290 5.25 17.63 -24.33
C ALA B 290 4.79 19.05 -24.02
N SER B 291 5.71 20.00 -24.06
CA SER B 291 5.35 21.33 -23.63
C SER B 291 4.27 21.94 -24.50
N LEU B 292 3.23 22.50 -23.87
CA LEU B 292 2.21 23.28 -24.56
C LEU B 292 2.61 24.76 -24.59
N ALA B 293 2.94 25.31 -25.76
CA ALA B 293 3.30 26.72 -25.80
C ALA B 293 2.10 27.54 -25.32
N PRO B 294 2.34 28.63 -24.58
CA PRO B 294 1.23 29.51 -24.18
C PRO B 294 0.36 29.98 -25.34
N VAL B 295 0.96 30.18 -26.52
CA VAL B 295 0.16 30.69 -27.64
C VAL B 295 -0.82 29.59 -28.10
N ILE B 296 -0.42 28.33 -28.02
CA ILE B 296 -1.37 27.29 -28.37
C ILE B 296 -2.49 27.17 -27.31
N LEU B 297 -2.12 27.30 -26.03
CA LEU B 297 -3.13 27.30 -24.96
C LEU B 297 -4.17 28.39 -25.28
N SER B 298 -3.70 29.62 -25.58
CA SER B 298 -4.63 30.71 -25.85
CA SER B 298 -4.67 30.68 -25.79
C SER B 298 -5.49 30.41 -27.06
N ARG B 299 -4.88 29.89 -28.12
CA ARG B 299 -5.67 29.60 -29.34
C ARG B 299 -6.76 28.55 -29.06
N LEU B 300 -6.43 27.56 -28.22
CA LEU B 300 -7.42 26.52 -27.85
C LEU B 300 -8.57 27.14 -27.04
N GLU B 301 -8.25 27.98 -26.05
CA GLU B 301 -9.32 28.58 -25.24
C GLU B 301 -10.17 29.50 -26.07
N GLU B 302 -9.55 30.17 -27.02
CA GLU B 302 -10.28 31.09 -27.90
C GLU B 302 -11.22 30.35 -28.88
N ALA B 303 -10.74 29.24 -29.41
CA ALA B 303 -11.46 28.45 -30.41
C ALA B 303 -12.65 27.73 -29.78
N PHE B 304 -12.42 27.08 -28.62
CA PHE B 304 -13.42 26.11 -28.14
C PHE B 304 -14.07 26.49 -26.83
N GLY B 305 -13.59 27.57 -26.21
CA GLY B 305 -14.26 28.18 -25.07
C GLY B 305 -14.21 27.35 -23.79
N ALA B 306 -13.22 26.47 -23.64
CA ALA B 306 -13.06 25.72 -22.39
C ALA B 306 -11.65 25.98 -21.80
N PRO B 307 -11.53 25.89 -20.46
CA PRO B 307 -10.20 26.01 -19.87
C PRO B 307 -9.27 24.86 -20.31
N VAL B 308 -8.03 25.22 -20.61
CA VAL B 308 -7.02 24.27 -21.08
C VAL B 308 -6.03 24.02 -19.95
N LEU B 309 -5.99 22.78 -19.46
CA LEU B 309 -5.20 22.43 -18.28
C LEU B 309 -4.03 21.56 -18.72
N GLU B 310 -2.83 22.08 -18.54
CA GLU B 310 -1.64 21.31 -18.89
C GLU B 310 -1.14 20.45 -17.72
N ALA B 311 -0.74 19.23 -18.06
CA ALA B 311 -0.22 18.28 -17.06
C ALA B 311 1.16 17.82 -17.50
N TYR B 312 1.87 17.18 -16.59
CA TYR B 312 3.22 16.61 -16.79
C TYR B 312 3.17 15.14 -16.33
N ALA B 313 3.73 14.27 -17.18
CA ALA B 313 3.53 12.84 -17.00
C ALA B 313 4.67 12.07 -17.65
N MET B 314 4.89 10.81 -17.23
CA MET B 314 5.91 9.97 -17.88
C MET B 314 5.59 8.50 -17.62
N THR B 315 6.15 7.65 -18.45
CA THR B 315 5.84 6.21 -18.36
C THR B 315 6.14 5.67 -16.95
N GLU B 316 7.29 6.05 -16.39
CA GLU B 316 7.73 5.52 -15.09
C GLU B 316 6.83 5.94 -13.93
N ALA B 317 6.03 6.98 -14.14
CA ALA B 317 5.06 7.46 -13.11
C ALA B 317 3.65 6.95 -13.37
N THR B 318 3.53 5.97 -14.26
CA THR B 318 2.22 5.50 -14.72
C THR B 318 1.42 6.74 -15.15
N HIS B 319 2.05 7.55 -16.00
CA HIS B 319 1.49 8.79 -16.55
C HIS B 319 1.58 9.93 -15.51
N LEU B 320 0.45 10.36 -14.91
CA LEU B 320 0.36 11.68 -14.28
C LEU B 320 1.35 11.92 -13.11
N MET B 321 2.08 13.05 -13.18
CA MET B 321 2.86 13.53 -12.04
C MET B 321 2.26 14.83 -11.47
N SER B 322 2.06 15.80 -12.34
CA SER B 322 1.51 17.08 -11.90
C SER B 322 0.49 17.59 -12.87
N SER B 323 -0.41 18.43 -12.38
CA SER B 323 -1.35 19.08 -13.29
C SER B 323 -1.81 20.45 -12.81
N ASN B 324 -2.12 21.33 -13.76
CA ASN B 324 -2.88 22.48 -13.41
C ASN B 324 -4.25 22.01 -12.92
N PRO B 325 -4.82 22.71 -11.95
CA PRO B 325 -6.12 22.33 -11.40
C PRO B 325 -7.29 22.82 -12.22
N LEU B 326 -8.47 22.32 -11.89
CA LEU B 326 -9.73 22.91 -12.38
C LEU B 326 -9.91 24.37 -11.93
N PRO B 327 -10.55 25.22 -12.74
CA PRO B 327 -10.73 26.65 -12.38
C PRO B 327 -11.35 26.83 -11.01
N GLU B 328 -12.28 25.95 -10.62
CA GLU B 328 -12.96 26.08 -9.33
C GLU B 328 -12.00 25.81 -8.19
N GLU B 329 -10.84 25.19 -8.48
CA GLU B 329 -9.87 24.90 -7.43
C GLU B 329 -8.67 25.84 -7.45
N GLY B 330 -8.33 26.43 -8.60
CA GLY B 330 -7.15 27.30 -8.64
C GLY B 330 -6.90 27.71 -10.07
N PRO B 331 -5.98 28.67 -10.29
CA PRO B 331 -5.68 29.12 -11.66
C PRO B 331 -4.90 28.07 -12.45
N HIS B 332 -4.95 28.17 -13.77
CA HIS B 332 -4.02 27.39 -14.59
C HIS B 332 -3.03 28.36 -15.23
N LYS B 333 -1.74 28.01 -15.18
CA LYS B 333 -0.68 28.96 -15.54
C LYS B 333 -0.07 28.56 -16.85
N PRO B 334 -0.14 29.43 -17.88
CA PRO B 334 0.57 29.14 -19.12
C PRO B 334 2.06 28.96 -18.87
N GLY B 335 2.69 27.98 -19.50
CA GLY B 335 4.10 27.71 -19.27
C GLY B 335 4.39 26.81 -18.06
N SER B 336 3.36 26.45 -17.31
CA SER B 336 3.50 25.63 -16.10
C SER B 336 2.74 24.32 -16.25
N VAL B 337 3.21 23.27 -15.57
CA VAL B 337 2.48 22.01 -15.54
C VAL B 337 1.82 21.82 -14.16
N GLY B 338 1.64 22.90 -13.40
CA GLY B 338 0.82 22.81 -12.21
C GLY B 338 1.44 22.11 -11.00
N LYS B 339 0.59 21.49 -10.18
CA LYS B 339 0.98 20.98 -8.87
C LYS B 339 0.97 19.47 -8.82
N PRO B 340 1.85 18.87 -8.01
CA PRO B 340 1.92 17.39 -7.85
C PRO B 340 0.57 16.84 -7.47
N VAL B 341 0.21 15.70 -8.03
CA VAL B 341 -1.10 15.09 -7.69
C VAL B 341 -0.89 13.70 -7.05
N GLY B 342 -1.20 13.55 -5.77
CA GLY B 342 -1.16 12.24 -5.14
C GLY B 342 0.19 11.61 -4.96
N GLN B 343 1.23 12.44 -5.07
CA GLN B 343 2.61 11.97 -4.90
C GLN B 343 3.48 13.13 -4.47
N GLU B 344 4.64 12.82 -3.89
CA GLU B 344 5.61 13.81 -3.50
C GLU B 344 6.46 14.18 -4.68
N MET B 345 6.89 15.43 -4.66
CA MET B 345 7.73 15.95 -5.75
C MET B 345 8.70 16.98 -5.14
N ALA B 346 9.96 16.93 -5.57
CA ALA B 346 10.98 17.82 -5.04
C ALA B 346 11.95 18.18 -6.15
N ILE B 347 12.63 19.31 -6.00
CA ILE B 347 13.60 19.77 -6.97
C ILE B 347 14.95 19.64 -6.32
N LEU B 348 15.85 18.83 -6.88
CA LEU B 348 17.14 18.54 -6.23
C LEU B 348 18.32 19.04 -7.05
N ASN B 349 19.37 19.59 -6.41
CA ASN B 349 20.58 19.83 -7.16
C ASN B 349 21.42 18.53 -7.31
N GLU B 350 22.61 18.65 -7.89
CA GLU B 350 23.41 17.47 -8.18
C GLU B 350 23.96 16.78 -6.96
N LYS B 351 23.86 17.41 -5.78
CA LYS B 351 24.22 16.74 -4.54
C LYS B 351 23.02 16.31 -3.72
N GLY B 352 21.84 16.32 -4.33
CA GLY B 352 20.66 15.79 -3.67
C GLY B 352 20.04 16.75 -2.66
N GLU B 353 20.47 18.00 -2.63
CA GLU B 353 19.84 18.97 -1.74
C GLU B 353 18.57 19.59 -2.31
N ILE B 354 17.51 19.66 -1.51
CA ILE B 354 16.25 20.26 -1.97
C ILE B 354 16.39 21.74 -2.23
N GLN B 355 15.90 22.20 -3.37
CA GLN B 355 16.03 23.59 -3.76
C GLN B 355 14.86 24.40 -3.26
N GLU B 356 15.12 25.66 -2.96
CA GLU B 356 14.09 26.63 -2.57
C GLU B 356 13.30 26.99 -3.83
N PRO B 357 12.07 27.50 -3.70
CA PRO B 357 11.31 28.02 -4.85
C PRO B 357 12.10 28.94 -5.77
N ASN B 358 11.81 28.82 -7.07
CA ASN B 358 12.47 29.57 -8.15
C ASN B 358 13.97 29.29 -8.30
N ASN B 359 14.37 28.14 -7.77
CA ASN B 359 15.69 27.61 -8.03
C ASN B 359 15.58 26.32 -8.82
N LYS B 360 16.29 26.22 -9.93
CA LYS B 360 16.19 25.06 -10.82
C LYS B 360 16.91 23.85 -10.30
N GLY B 361 16.46 22.67 -10.71
CA GLY B 361 17.15 21.45 -10.40
C GLY B 361 16.38 20.28 -11.00
N GLU B 362 16.79 19.05 -10.67
CA GLU B 362 16.09 17.89 -11.26
C GLU B 362 14.81 17.56 -10.52
N VAL B 363 13.72 17.36 -11.28
CA VAL B 363 12.48 16.95 -10.67
C VAL B 363 12.57 15.51 -10.24
N CYS B 364 12.27 15.24 -8.95
CA CYS B 364 12.21 13.89 -8.42
C CYS B 364 10.84 13.61 -7.78
N ILE B 365 10.36 12.37 -7.93
CA ILE B 365 9.04 12.02 -7.44
C ILE B 365 9.04 10.79 -6.53
N ARG B 366 8.00 10.69 -5.73
CA ARG B 366 7.86 9.50 -4.91
C ARG B 366 6.39 9.22 -4.67
N GLY B 367 5.94 8.00 -4.96
CA GLY B 367 4.53 7.73 -4.71
C GLY B 367 4.14 6.35 -5.25
N PRO B 368 2.93 5.89 -4.93
CA PRO B 368 2.54 4.52 -5.26
C PRO B 368 2.23 4.31 -6.78
N ASN B 369 2.23 5.39 -7.56
CA ASN B 369 2.13 5.33 -9.04
C ASN B 369 3.45 5.06 -9.74
N VAL B 370 4.57 5.17 -8.99
CA VAL B 370 5.87 5.08 -9.63
C VAL B 370 6.34 3.63 -9.75
N THR B 371 6.92 3.27 -10.91
CA THR B 371 7.45 1.93 -11.11
C THR B 371 8.42 1.56 -9.95
N LYS B 372 8.45 0.28 -9.58
CA LYS B 372 9.42 -0.21 -8.56
C LYS B 372 10.80 -0.27 -9.17
N GLY B 373 10.87 -0.23 -10.48
CA GLY B 373 12.16 -0.29 -11.12
C GLY B 373 12.18 -0.80 -12.55
N TYR B 374 13.18 -0.40 -13.31
CA TYR B 374 13.32 -0.94 -14.67
C TYR B 374 13.59 -2.44 -14.63
N LYS B 375 13.17 -3.12 -15.68
CA LYS B 375 13.32 -4.57 -15.74
C LYS B 375 14.76 -4.97 -16.03
N ASN B 376 15.33 -5.81 -15.17
CA ASN B 376 16.65 -6.39 -15.40
C ASN B 376 17.65 -5.28 -15.76
N ASN B 377 17.73 -4.28 -14.89
CA ASN B 377 18.68 -3.22 -15.13
C ASN B 377 19.08 -2.57 -13.80
N PRO B 378 19.85 -3.31 -12.98
CA PRO B 378 20.23 -2.80 -11.66
C PRO B 378 20.97 -1.47 -11.77
N GLU B 379 21.70 -1.23 -12.86
CA GLU B 379 22.43 0.03 -13.01
C GLU B 379 21.52 1.24 -13.14
N ALA B 380 20.55 1.10 -14.04
CA ALA B 380 19.59 2.17 -14.24
C ALA B 380 18.81 2.43 -12.95
N ASN B 381 18.52 1.37 -12.21
CA ASN B 381 17.75 1.56 -10.99
C ASN B 381 18.62 2.23 -9.92
N LYS B 382 19.88 1.86 -9.89
CA LYS B 382 20.77 2.47 -8.90
C LYS B 382 20.91 3.95 -9.23
N ALA B 383 21.03 4.29 -10.52
CA ALA B 383 21.11 5.69 -10.90
C ALA B 383 19.81 6.48 -10.68
N GLY B 384 18.68 5.82 -10.87
CA GLY B 384 17.43 6.54 -11.00
C GLY B 384 16.66 6.68 -9.68
N PHE B 385 16.96 5.83 -8.69
CA PHE B 385 16.18 5.78 -7.44
C PHE B 385 17.05 6.03 -6.20
N GLU B 386 16.55 6.80 -5.23
CA GLU B 386 17.24 6.87 -3.95
C GLU B 386 16.22 7.08 -2.83
N PHE B 387 16.20 6.19 -1.84
CA PHE B 387 15.27 6.30 -0.71
C PHE B 387 13.80 6.48 -1.21
N GLY B 388 13.44 5.71 -2.22
CA GLY B 388 12.06 5.75 -2.73
C GLY B 388 11.86 6.83 -3.80
N TRP B 389 12.79 7.78 -3.94
CA TRP B 389 12.60 8.87 -4.92
C TRP B 389 13.14 8.52 -6.29
N PHE B 390 12.37 8.80 -7.33
CA PHE B 390 12.78 8.53 -8.69
C PHE B 390 13.21 9.86 -9.36
N HIS B 391 14.39 9.87 -9.98
CA HIS B 391 14.95 11.01 -10.67
C HIS B 391 14.44 11.00 -12.11
N THR B 392 13.62 12.01 -12.46
CA THR B 392 12.91 12.02 -13.76
C THR B 392 13.80 12.31 -14.95
N GLY B 393 14.97 12.94 -14.74
CA GLY B 393 15.77 13.36 -15.88
C GLY B 393 15.34 14.74 -16.43
N ASP B 394 14.35 15.36 -15.79
CA ASP B 394 13.87 16.72 -16.19
C ASP B 394 14.33 17.81 -15.23
N ILE B 395 14.66 18.97 -15.77
CA ILE B 395 14.98 20.14 -15.00
C ILE B 395 13.75 21.05 -14.98
N GLY B 396 13.48 21.56 -13.77
CA GLY B 396 12.37 22.49 -13.55
C GLY B 396 12.54 23.27 -12.26
N TYR B 397 11.55 24.09 -11.95
CA TYR B 397 11.56 24.77 -10.67
C TYR B 397 10.11 24.97 -10.23
N PHE B 398 9.92 25.14 -8.92
CA PHE B 398 8.59 25.49 -8.34
C PHE B 398 8.50 26.97 -8.14
N ASP B 399 7.35 27.57 -8.46
CA ASP B 399 7.17 28.98 -8.09
C ASP B 399 6.68 29.02 -6.65
N THR B 400 6.42 30.21 -6.10
CA THR B 400 6.05 30.22 -4.68
C THR B 400 4.62 29.75 -4.44
N ASP B 401 3.83 29.55 -5.50
CA ASP B 401 2.50 28.89 -5.35
C ASP B 401 2.60 27.38 -5.39
N GLY B 402 3.80 26.83 -5.57
CA GLY B 402 3.95 25.40 -5.69
C GLY B 402 3.64 24.87 -7.09
N TYR B 403 3.58 25.76 -8.09
CA TYR B 403 3.39 25.30 -9.47
C TYR B 403 4.74 24.98 -10.13
N LEU B 404 4.81 23.86 -10.83
CA LEU B 404 6.06 23.45 -11.47
C LEU B 404 6.21 24.07 -12.86
N HIS B 405 7.40 24.59 -13.16
CA HIS B 405 7.74 25.09 -14.48
C HIS B 405 8.88 24.28 -15.02
N LEU B 406 8.67 23.62 -16.15
CA LEU B 406 9.73 22.82 -16.75
C LEU B 406 10.65 23.60 -17.63
N VAL B 407 11.94 23.30 -17.54
CA VAL B 407 12.98 23.93 -18.33
C VAL B 407 13.36 23.01 -19.48
N GLY B 408 13.41 21.71 -19.17
CA GLY B 408 13.62 20.72 -20.22
C GLY B 408 14.32 19.48 -19.71
N ARG B 409 14.48 18.47 -20.57
CA ARG B 409 15.27 17.26 -20.26
C ARG B 409 16.72 17.67 -20.10
N ILE B 410 17.36 17.13 -19.05
CA ILE B 410 18.78 17.37 -18.82
C ILE B 410 19.58 17.22 -20.12
N LYS B 411 19.34 16.14 -20.83
CA LYS B 411 20.09 15.83 -22.06
C LYS B 411 19.72 16.71 -23.27
N GLU B 412 18.66 17.51 -23.18
CA GLU B 412 18.29 18.37 -24.28
C GLU B 412 18.65 19.84 -24.08
N LEU B 413 19.01 20.24 -22.85
CA LEU B 413 19.37 21.64 -22.61
C LEU B 413 20.63 21.94 -23.46
N ILE B 414 20.67 23.16 -23.98
CA ILE B 414 21.74 23.53 -24.86
C ILE B 414 22.76 24.31 -24.05
N ASN B 415 23.96 23.77 -23.92
CA ASN B 415 24.94 24.43 -23.09
C ASN B 415 25.83 25.35 -23.91
N ARG B 416 25.49 26.63 -24.00
CA ARG B 416 26.25 27.56 -24.83
C ARG B 416 27.26 28.27 -23.93
N GLY B 417 28.51 27.80 -23.91
CA GLY B 417 29.57 28.42 -23.11
C GLY B 417 29.24 28.53 -21.61
N GLY B 418 28.57 27.54 -21.09
CA GLY B 418 28.20 27.58 -19.69
C GLY B 418 26.79 28.12 -19.38
N GLU B 419 26.11 28.68 -20.37
CA GLU B 419 24.73 29.12 -20.14
C GLU B 419 23.80 28.13 -20.76
N LYS B 420 22.84 27.57 -20.00
CA LYS B 420 21.97 26.55 -20.53
C LYS B 420 20.75 27.21 -21.16
N ILE B 421 20.45 26.86 -22.40
CA ILE B 421 19.28 27.37 -23.08
C ILE B 421 18.24 26.28 -23.07
N SER B 422 16.99 26.67 -22.76
CA SER B 422 15.80 25.80 -22.78
C SER B 422 15.17 25.78 -24.18
N PRO B 423 15.23 24.63 -24.87
CA PRO B 423 14.61 24.58 -26.18
C PRO B 423 13.08 24.72 -26.10
N ILE B 424 12.49 24.29 -24.99
CA ILE B 424 11.05 24.55 -24.73
C ILE B 424 10.69 26.03 -24.87
N GLU B 425 11.49 26.85 -24.18
CA GLU B 425 11.25 28.29 -24.16
C GLU B 425 11.30 28.87 -25.57
N VAL B 426 12.34 28.44 -26.29
CA VAL B 426 12.55 28.97 -27.64
C VAL B 426 11.46 28.49 -28.59
N ASP B 427 11.10 27.20 -28.51
CA ASP B 427 9.99 26.67 -29.33
C ASP B 427 8.74 27.53 -29.14
N ALA B 428 8.46 27.85 -27.86
CA ALA B 428 7.25 28.62 -27.57
C ALA B 428 7.31 29.98 -28.28
N VAL B 429 8.51 30.59 -28.33
CA VAL B 429 8.61 31.83 -29.06
C VAL B 429 8.40 31.65 -30.60
N LEU B 430 9.01 30.62 -31.18
CA LEU B 430 8.89 30.37 -32.63
C LEU B 430 7.43 30.23 -33.04
N LEU B 431 6.69 29.52 -32.21
CA LEU B 431 5.26 29.33 -32.54
C LEU B 431 4.45 30.61 -32.48
N THR B 432 4.96 31.68 -31.89
CA THR B 432 4.20 32.95 -31.90
C THR B 432 4.43 33.77 -33.17
N HIS B 433 5.37 33.36 -34.01
CA HIS B 433 5.55 34.06 -35.28
C HIS B 433 4.36 33.82 -36.17
N PRO B 434 3.79 34.89 -36.76
CA PRO B 434 2.53 34.77 -37.52
C PRO B 434 2.56 33.73 -38.63
N ASP B 435 3.72 33.44 -39.22
CA ASP B 435 3.80 32.55 -40.37
C ASP B 435 4.36 31.18 -40.06
N VAL B 436 4.53 30.87 -38.76
CA VAL B 436 5.09 29.58 -38.38
C VAL B 436 3.99 28.62 -37.98
N SER B 437 3.98 27.45 -38.61
CA SER B 437 3.01 26.42 -38.28
C SER B 437 3.57 25.45 -37.26
N GLN B 438 4.84 25.10 -37.43
CA GLN B 438 5.50 24.25 -36.44
C GLN B 438 6.98 24.67 -36.30
N GLY B 439 7.58 24.46 -35.14
CA GLY B 439 8.98 24.85 -34.95
C GLY B 439 9.67 24.05 -33.86
N VAL B 440 10.97 23.83 -33.98
CA VAL B 440 11.66 23.02 -33.00
C VAL B 440 13.08 23.52 -32.90
N ALA B 441 13.52 23.75 -31.67
CA ALA B 441 14.90 24.20 -31.44
C ALA B 441 15.75 23.01 -31.03
N PHE B 442 17.07 23.05 -31.25
CA PHE B 442 17.93 21.93 -30.91
C PHE B 442 19.40 22.39 -30.83
N GLY B 443 20.20 21.67 -30.05
CA GLY B 443 21.60 22.06 -29.91
C GLY B 443 22.44 21.44 -31.01
N VAL B 444 23.56 22.09 -31.35
CA VAL B 444 24.51 21.60 -32.36
C VAL B 444 25.92 21.89 -31.85
N PRO B 445 26.96 21.21 -32.39
CA PRO B 445 28.32 21.54 -31.93
C PRO B 445 28.74 22.94 -32.28
N ASP B 446 29.59 23.51 -31.45
CA ASP B 446 30.12 24.84 -31.77
C ASP B 446 31.52 24.95 -31.20
N GLU B 447 32.45 25.54 -31.94
CA GLU B 447 33.83 25.52 -31.46
C GLU B 447 34.04 26.50 -30.29
N LYS B 448 33.42 27.68 -30.36
CA LYS B 448 33.63 28.65 -29.31
C LYS B 448 32.80 28.35 -28.08
N TYR B 449 31.54 27.91 -28.27
CA TYR B 449 30.67 27.78 -27.13
C TYR B 449 30.44 26.33 -26.69
N GLY B 450 30.97 25.37 -27.44
CA GLY B 450 30.69 23.97 -27.11
C GLY B 450 29.43 23.50 -27.80
N GLU B 451 28.28 24.08 -27.42
CA GLU B 451 27.01 23.83 -28.11
C GLU B 451 26.41 25.19 -28.51
N GLU B 452 25.65 25.21 -29.60
CA GLU B 452 24.97 26.39 -30.05
C GLU B 452 23.52 26.00 -30.32
N ILE B 453 22.59 26.95 -30.34
CA ILE B 453 21.21 26.64 -30.68
C ILE B 453 20.92 26.91 -32.16
N ASN B 454 20.23 25.95 -32.79
CA ASN B 454 19.70 26.15 -34.14
C ASN B 454 18.20 25.83 -34.04
N CYS B 455 17.49 26.04 -35.12
CA CYS B 455 16.10 25.56 -35.13
C CYS B 455 15.63 25.20 -36.51
N ALA B 456 14.49 24.49 -36.60
CA ALA B 456 13.82 24.26 -37.88
C ALA B 456 12.34 24.68 -37.78
N VAL B 457 11.82 25.31 -38.84
CA VAL B 457 10.43 25.70 -38.85
C VAL B 457 9.69 25.21 -40.11
N ILE B 458 8.41 24.88 -39.93
CA ILE B 458 7.47 24.66 -41.04
C ILE B 458 6.58 25.90 -41.16
N PRO B 459 6.64 26.58 -42.33
CA PRO B 459 5.84 27.79 -42.57
C PRO B 459 4.35 27.44 -42.76
N ARG B 460 3.48 28.39 -42.48
CA ARG B 460 2.07 28.22 -42.77
C ARG B 460 1.83 28.16 -44.27
N GLU B 461 0.77 27.45 -44.65
CA GLU B 461 0.42 27.31 -46.06
C GLU B 461 0.21 28.69 -46.67
N GLY B 462 0.84 28.89 -47.82
CA GLY B 462 0.69 30.11 -48.58
C GLY B 462 1.46 31.32 -48.07
N THR B 463 2.38 31.09 -47.14
CA THR B 463 3.25 32.16 -46.64
C THR B 463 4.64 31.81 -47.08
N THR B 464 5.51 32.80 -47.14
CA THR B 464 6.93 32.51 -47.32
C THR B 464 7.72 33.08 -46.12
N VAL B 465 8.62 32.27 -45.59
CA VAL B 465 9.37 32.60 -44.39
C VAL B 465 10.87 32.46 -44.66
N THR B 466 11.67 33.46 -44.27
CA THR B 466 13.13 33.34 -44.41
C THR B 466 13.84 33.16 -43.07
N GLU B 467 15.06 32.63 -43.11
CA GLU B 467 15.91 32.54 -41.93
C GLU B 467 16.05 33.89 -41.24
N GLU B 468 16.27 34.96 -42.02
CA GLU B 468 16.45 36.25 -41.37
C GLU B 468 15.17 36.79 -40.73
N ASP B 469 14.01 36.52 -41.33
CA ASP B 469 12.75 36.92 -40.71
C ASP B 469 12.62 36.29 -39.32
N ILE B 470 12.86 34.98 -39.26
CA ILE B 470 12.72 34.25 -38.02
C ILE B 470 13.72 34.77 -37.01
N LYS B 471 14.98 34.97 -37.43
CA LYS B 471 15.97 35.44 -36.48
C LYS B 471 15.62 36.84 -35.93
N ALA B 472 15.20 37.75 -36.80
CA ALA B 472 14.85 39.10 -36.36
C ALA B 472 13.71 39.05 -35.35
N PHE B 473 12.71 38.21 -35.66
CA PHE B 473 11.61 38.04 -34.73
C PHE B 473 12.09 37.49 -33.38
N CYS B 474 12.91 36.42 -33.41
CA CYS B 474 13.42 35.86 -32.14
C CYS B 474 14.20 36.93 -31.35
N LYS B 475 14.98 37.73 -32.06
CA LYS B 475 15.81 38.75 -31.41
C LYS B 475 14.93 39.77 -30.70
N LYS B 476 13.66 39.92 -31.17
CA LYS B 476 12.79 40.85 -30.42
C LYS B 476 12.15 40.25 -29.16
N ASN B 477 12.29 38.94 -28.97
CA ASN B 477 11.52 38.23 -27.97
C ASN B 477 12.36 37.33 -27.06
N LEU B 478 13.68 37.36 -27.22
CA LEU B 478 14.56 36.51 -26.44
C LEU B 478 15.85 37.25 -26.18
N ALA B 479 16.50 37.03 -25.04
CA ALA B 479 17.87 37.49 -24.83
C ALA B 479 18.73 36.97 -26.01
N ALA B 480 19.71 37.75 -26.41
CA ALA B 480 20.48 37.52 -27.65
C ALA B 480 21.10 36.13 -27.64
N PHE B 481 21.57 35.65 -26.48
CA PHE B 481 22.29 34.39 -26.46
C PHE B 481 21.42 33.20 -26.78
N LYS B 482 20.10 33.33 -26.65
CA LYS B 482 19.16 32.23 -26.89
C LYS B 482 18.65 32.14 -28.32
N VAL B 483 18.96 33.15 -29.12
CA VAL B 483 18.41 33.22 -30.48
C VAL B 483 19.08 32.20 -31.36
N PRO B 484 18.29 31.37 -32.06
CA PRO B 484 18.87 30.38 -32.98
C PRO B 484 19.84 31.01 -33.98
N LYS B 485 21.04 30.45 -34.07
CA LYS B 485 22.01 31.05 -34.99
C LYS B 485 21.76 30.61 -36.43
N ARG B 486 21.10 29.47 -36.61
CA ARG B 486 20.66 29.07 -37.94
C ARG B 486 19.22 28.62 -37.88
N VAL B 487 18.47 28.96 -38.92
CA VAL B 487 17.08 28.55 -39.03
C VAL B 487 16.92 27.75 -40.30
N PHE B 488 16.54 26.48 -40.16
CA PHE B 488 16.28 25.64 -41.29
C PHE B 488 14.81 25.66 -41.62
N ILE B 489 14.48 25.89 -42.89
CA ILE B 489 13.09 25.98 -43.25
C ILE B 489 12.71 24.70 -44.00
N THR B 490 11.65 24.04 -43.54
CA THR B 490 11.34 22.72 -44.06
C THR B 490 9.84 22.49 -44.14
N ASP B 491 9.44 21.42 -44.82
CA ASP B 491 8.01 21.14 -45.01
C ASP B 491 7.50 20.08 -44.06
N ASN B 492 8.41 19.39 -43.38
CA ASN B 492 7.98 18.33 -42.50
C ASN B 492 8.97 18.02 -41.37
N LEU B 493 8.44 17.73 -40.19
CA LEU B 493 9.25 17.24 -39.09
C LEU B 493 8.80 15.83 -38.68
N PRO B 494 9.76 14.92 -38.39
CA PRO B 494 9.42 13.61 -37.84
C PRO B 494 8.71 13.69 -36.45
N LYS B 495 7.67 12.87 -36.28
CA LYS B 495 7.07 12.70 -34.95
C LYS B 495 6.94 11.24 -34.57
N THR B 496 7.07 10.96 -33.28
CA THR B 496 6.84 9.63 -32.77
C THR B 496 5.37 9.26 -32.87
N ALA B 497 5.07 8.00 -32.56
CA ALA B 497 3.68 7.57 -32.52
C ALA B 497 2.93 8.35 -31.43
N SER B 498 3.62 8.64 -30.31
CA SER B 498 3.08 9.49 -29.22
C SER B 498 2.76 10.95 -29.64
N GLY B 499 3.29 11.42 -30.76
CA GLY B 499 3.03 12.78 -31.24
C GLY B 499 4.07 13.80 -30.79
N LYS B 500 5.25 13.31 -30.44
CA LYS B 500 6.36 14.16 -30.04
C LYS B 500 7.35 14.28 -31.18
N ILE B 501 7.85 15.49 -31.41
CA ILE B 501 8.94 15.69 -32.39
C ILE B 501 10.24 15.30 -31.69
N GLN B 502 11.08 14.57 -32.40
CA GLN B 502 12.33 14.03 -31.85
C GLN B 502 13.49 15.02 -32.08
N ARG B 503 13.94 15.80 -31.10
CA ARG B 503 14.82 16.89 -31.54
C ARG B 503 16.25 16.42 -31.90
N ARG B 504 16.74 15.36 -31.28
CA ARG B 504 18.07 14.85 -31.66
C ARG B 504 18.05 14.28 -33.09
N ILE B 505 16.92 13.71 -33.52
CA ILE B 505 16.79 13.23 -34.89
C ILE B 505 16.78 14.39 -35.91
N VAL B 506 16.01 15.44 -35.58
CA VAL B 506 15.92 16.67 -36.40
C VAL B 506 17.30 17.26 -36.55
N ALA B 507 18.01 17.27 -35.44
CA ALA B 507 19.37 17.82 -35.39
C ALA B 507 20.28 17.04 -36.32
N GLN B 508 20.34 15.73 -36.12
CA GLN B 508 21.13 14.85 -37.00
C GLN B 508 20.83 15.12 -38.47
N HIS B 509 19.55 15.23 -38.79
CA HIS B 509 19.15 15.43 -40.17
C HIS B 509 19.66 16.74 -40.74
N PHE B 510 19.61 17.81 -39.95
CA PHE B 510 20.08 19.06 -40.54
C PHE B 510 21.59 19.29 -40.41
N LEU B 511 22.32 18.29 -39.91
CA LEU B 511 23.79 18.40 -39.85
C LEU B 511 24.48 17.37 -40.76
#